data_4KG2
#
_entry.id   4KG2
#
_cell.length_a   117.836
_cell.length_b   78.751
_cell.length_c   98.095
_cell.angle_alpha   90.00
_cell.angle_beta   115.40
_cell.angle_gamma   90.00
#
_symmetry.space_group_name_H-M   'C 1 2 1'
#
loop_
_entity.id
_entity.type
_entity.pdbx_description
1 polymer Beta-lactamase
2 non-polymer 'PHOSPHATE ION'
3 non-polymer "CEFOTAXIME, C3' cleaved, open, bound form"
4 water water
#
_entity_poly.entity_id   1
_entity_poly.type   'polypeptide(L)'
_entity_poly.pdbx_seq_one_letter_code
;APQQINDIVHRTITPLIEQQKIPGMAVAVIYQGKPYYFTWGYADIAKKQPVTQQTLFELGSVSKTFTGVLGGDAIARGEI
KLSDPTTKYWPELTAKQWNGITLLHLATYTAGGLPLQVPDEVKSSSDLLRFYQNWQPAWAPGTQRLYANSSIGLFGALAV
KPSGLSFEQAMQTRVFQPLKLNHTWINVPPAEEKNYAWGYREGKAVHVSPGALDAEAYGVKSTIEDMARWVQSNLKPLDI
NEKTLQQGIQLAQSRYWQTGDMYQGLGWEMLDWPVNPDSIINGSDNKIALAARPVKAITPPTPAVRASWVHKTGATGGFG
SYVAFIPEKELGIVMLANKNYPNPARVDAAWQILNALQ
;
_entity_poly.pdbx_strand_id   B,A
#
loop_
_chem_comp.id
_chem_comp.type
_chem_comp.name
_chem_comp.formula
CEF non-polymer 'CEFOTAXIME, C3' cleaved, open, bound form' 'C14 H15 N5 O5 S2'
PO4 non-polymer 'PHOSPHATE ION' 'O4 P -3'
#
# COMPACT_ATOMS: atom_id res chain seq x y z
N ALA A 1 29.34 17.62 13.85
CA ALA A 1 29.24 17.23 12.40
C ALA A 1 30.62 16.89 11.78
N PRO A 2 30.71 15.80 10.98
CA PRO A 2 31.92 15.59 10.13
C PRO A 2 32.23 16.83 9.31
N GLN A 3 33.51 17.15 9.20
CA GLN A 3 33.93 18.34 8.48
C GLN A 3 33.41 18.32 7.03
N GLN A 4 33.23 17.12 6.46
CA GLN A 4 32.72 16.94 5.10
C GLN A 4 31.35 17.56 4.99
N ILE A 5 30.41 17.10 5.83
CA ILE A 5 29.11 17.74 5.90
C ILE A 5 29.25 19.25 5.99
N ASN A 6 29.93 19.72 7.01
CA ASN A 6 30.16 21.14 7.17
C ASN A 6 30.64 21.87 5.94
N ASP A 7 31.64 21.30 5.28
CA ASP A 7 32.20 22.01 4.15
C ASP A 7 31.24 22.00 2.98
N ILE A 8 30.57 20.88 2.68
CA ILE A 8 29.60 20.94 1.57
C ILE A 8 28.51 21.98 1.85
N VAL A 9 28.04 22.02 3.10
CA VAL A 9 26.89 22.88 3.38
C VAL A 9 27.32 24.29 3.22
N HIS A 10 28.44 24.62 3.86
CA HIS A 10 28.97 25.98 3.74
C HIS A 10 29.34 26.38 2.34
N ARG A 11 30.04 25.49 1.62
N ARG A 11 30.03 25.50 1.62
CA ARG A 11 30.37 25.72 0.22
CA ARG A 11 30.38 25.79 0.23
C ARG A 11 29.12 26.09 -0.55
C ARG A 11 29.13 26.07 -0.58
N THR A 12 28.03 25.38 -0.28
CA THR A 12 26.77 25.61 -1.04
C THR A 12 25.92 26.79 -0.57
N ILE A 13 25.74 26.89 0.73
CA ILE A 13 24.76 27.83 1.27
C ILE A 13 25.27 29.27 1.33
N THR A 14 26.53 29.46 1.69
CA THR A 14 27.12 30.79 1.73
C THR A 14 26.74 31.57 0.44
N PRO A 15 27.05 31.04 -0.74
CA PRO A 15 26.76 31.73 -1.98
C PRO A 15 25.27 31.91 -2.26
N LEU A 16 24.48 30.92 -1.85
CA LEU A 16 23.04 31.07 -2.00
C LEU A 16 22.52 32.25 -1.18
N ILE A 17 22.86 32.30 0.06
CA ILE A 17 22.37 33.43 0.88
C ILE A 17 22.74 34.81 0.29
N GLU A 18 23.97 34.94 -0.15
CA GLU A 18 24.49 36.14 -0.79
C GLU A 18 23.79 36.41 -2.11
N GLN A 19 23.69 35.41 -2.98
CA GLN A 19 22.98 35.64 -4.27
C GLN A 19 21.53 36.03 -4.06
N GLN A 20 20.88 35.39 -3.09
CA GLN A 20 19.45 35.58 -2.93
C GLN A 20 19.11 36.66 -1.90
N LYS A 21 20.13 37.15 -1.20
CA LYS A 21 19.93 38.15 -0.15
C LYS A 21 18.89 37.65 0.84
N ILE A 22 19.06 36.41 1.28
CA ILE A 22 18.24 35.78 2.29
C ILE A 22 18.60 36.31 3.68
N PRO A 23 17.65 36.89 4.46
CA PRO A 23 18.00 37.49 5.72
C PRO A 23 18.44 36.45 6.75
N GLY A 24 17.73 35.35 6.79
CA GLY A 24 18.03 34.32 7.78
C GLY A 24 17.71 32.95 7.22
N MET A 25 18.41 31.94 7.72
CA MET A 25 18.25 30.61 7.18
C MET A 25 18.69 29.57 8.16
N ALA A 26 17.96 28.46 8.12
CA ALA A 26 18.31 27.26 8.89
C ALA A 26 18.31 26.07 7.94
N VAL A 27 19.33 25.24 8.10
CA VAL A 27 19.45 24.01 7.31
C VAL A 27 19.65 22.84 8.23
N ALA A 28 18.99 21.69 7.93
CA ALA A 28 19.27 20.45 8.57
C ALA A 28 19.67 19.48 7.46
N VAL A 29 20.75 18.74 7.70
CA VAL A 29 21.09 17.57 6.84
C VAL A 29 20.95 16.35 7.65
N ILE A 30 20.22 15.36 7.12
CA ILE A 30 20.09 14.14 7.82
C ILE A 30 21.09 13.24 7.09
N TYR A 31 21.97 12.62 7.84
CA TYR A 31 23.11 11.88 7.25
C TYR A 31 23.29 10.69 8.10
N GLN A 32 23.13 9.56 7.46
CA GLN A 32 22.98 8.27 8.12
C GLN A 32 22.01 8.34 9.29
N GLY A 33 20.87 8.96 9.05
CA GLY A 33 19.79 8.98 10.04
C GLY A 33 19.89 10.00 11.18
N LYS A 34 21.03 10.68 11.33
CA LYS A 34 21.24 11.67 12.43
C LYS A 34 21.21 13.07 11.83
N PRO A 35 20.65 14.03 12.57
CA PRO A 35 20.56 15.39 12.03
C PRO A 35 21.77 16.26 12.38
N TYR A 36 22.08 17.22 11.51
CA TYR A 36 23.16 18.17 11.73
C TYR A 36 22.59 19.50 11.30
N TYR A 37 22.82 20.54 12.13
CA TYR A 37 22.11 21.81 11.98
C TYR A 37 23.01 22.98 11.73
N PHE A 38 22.53 23.90 10.93
CA PHE A 38 23.29 25.05 10.54
C PHE A 38 22.34 26.20 10.53
N THR A 39 22.79 27.36 11.01
CA THR A 39 21.94 28.53 10.97
C THR A 39 22.76 29.77 10.59
N TRP A 40 22.11 30.70 9.93
CA TRP A 40 22.70 31.94 9.45
C TRP A 40 21.72 33.05 9.65
N GLY A 41 22.19 34.24 10.05
CA GLY A 41 21.45 35.44 9.82
C GLY A 41 20.36 35.72 10.85
N TYR A 42 19.30 36.42 10.43
CA TYR A 42 18.29 37.02 11.31
C TYR A 42 16.89 36.45 11.13
N ALA A 43 16.29 36.16 12.28
CA ALA A 43 14.91 35.83 12.37
C ALA A 43 14.09 37.09 12.39
N ASP A 44 14.63 38.12 13.04
CA ASP A 44 14.01 39.45 13.10
C ASP A 44 15.06 40.51 12.97
N ILE A 45 15.08 41.19 11.83
CA ILE A 45 16.12 42.14 11.56
C ILE A 45 16.03 43.36 12.47
N ALA A 46 14.86 43.94 12.59
CA ALA A 46 14.62 45.08 13.51
C ALA A 46 15.07 44.82 14.93
N LYS A 47 14.65 43.70 15.51
CA LYS A 47 15.05 43.38 16.88
C LYS A 47 16.42 42.63 17.00
N LYS A 48 17.16 42.49 15.90
CA LYS A 48 18.49 41.81 15.91
C LYS A 48 18.50 40.38 16.47
N GLN A 49 17.40 39.69 16.28
CA GLN A 49 17.23 38.33 16.83
C GLN A 49 17.82 37.37 15.80
N PRO A 50 18.79 36.55 16.20
CA PRO A 50 19.35 35.65 15.17
C PRO A 50 18.51 34.43 14.93
N VAL A 51 18.78 33.73 13.82
CA VAL A 51 18.15 32.44 13.54
C VAL A 51 18.85 31.45 14.42
N THR A 52 18.07 30.62 15.10
CA THR A 52 18.61 29.56 15.99
C THR A 52 17.84 28.27 15.64
N GLN A 53 18.22 27.19 16.29
CA GLN A 53 17.58 25.89 16.08
C GLN A 53 16.18 25.88 16.66
N GLN A 54 15.79 26.92 17.41
CA GLN A 54 14.38 27.01 17.92
C GLN A 54 13.52 28.04 17.15
N THR A 55 14.09 28.78 16.22
CA THR A 55 13.34 29.69 15.39
C THR A 55 12.21 28.97 14.56
N LEU A 56 10.99 29.52 14.58
CA LEU A 56 9.85 29.00 13.81
C LEU A 56 9.86 29.69 12.51
N PHE A 57 9.77 28.89 11.48
CA PHE A 57 9.54 29.37 10.13
C PHE A 57 8.20 28.97 9.59
N GLU A 58 7.65 29.81 8.69
CA GLU A 58 6.46 29.45 7.93
C GLU A 58 6.86 28.42 6.85
N LEU A 59 6.31 27.22 6.97
CA LEU A 59 6.60 26.15 5.97
C LEU A 59 5.93 26.33 4.66
N GLY A 60 4.87 27.15 4.62
CA GLY A 60 4.18 27.35 3.38
C GLY A 60 3.65 25.97 2.91
N SER A 61 3.77 25.74 1.62
CA SER A 61 3.16 24.54 0.99
C SER A 61 3.86 23.23 1.42
N VAL A 62 4.95 23.30 2.17
CA VAL A 62 5.53 22.07 2.72
C VAL A 62 4.52 21.50 3.71
N SER A 63 3.63 22.37 4.20
CA SER A 63 2.53 21.88 4.98
C SER A 63 1.70 20.74 4.35
N LYS A 64 1.63 20.74 3.05
CA LYS A 64 0.84 19.72 2.34
C LYS A 64 1.38 18.31 2.58
N THR A 65 2.63 18.21 3.03
CA THR A 65 3.17 16.88 3.38
C THR A 65 2.50 16.34 4.66
N PHE A 66 2.20 17.27 5.58
CA PHE A 66 1.54 16.95 6.78
C PHE A 66 0.14 16.56 6.45
N THR A 67 -0.51 17.32 5.58
CA THR A 67 -1.92 17.08 5.19
C THR A 67 -2.01 15.71 4.54
N GLY A 68 -1.08 15.45 3.62
CA GLY A 68 -1.13 14.09 2.95
C GLY A 68 -0.95 12.96 3.90
N VAL A 69 0.00 13.09 4.83
CA VAL A 69 0.21 12.09 5.89
C VAL A 69 -0.98 11.99 6.84
N LEU A 70 -1.59 13.13 7.21
CA LEU A 70 -2.78 13.01 7.97
C LEU A 70 -3.88 12.25 7.27
N GLY A 71 -4.04 12.52 5.99
CA GLY A 71 -4.99 11.84 5.17
C GLY A 71 -4.68 10.35 5.06
N GLY A 72 -3.39 9.99 4.97
CA GLY A 72 -3.04 8.57 4.84
C GLY A 72 -3.40 7.83 6.10
N ASP A 73 -3.16 8.50 7.21
CA ASP A 73 -3.54 8.01 8.50
C ASP A 73 -5.02 7.75 8.64
N ALA A 74 -5.82 8.61 8.02
CA ALA A 74 -7.25 8.47 8.05
C ALA A 74 -7.66 7.28 7.23
N ILE A 75 -6.99 7.13 6.10
CA ILE A 75 -7.24 5.93 5.23
C ILE A 75 -6.92 4.66 6.00
N ALA A 76 -5.73 4.62 6.59
CA ALA A 76 -5.29 3.50 7.39
C ALA A 76 -6.19 3.24 8.58
N ARG A 77 -6.88 4.26 9.09
CA ARG A 77 -7.90 4.05 10.11
C ARG A 77 -9.18 3.48 9.59
N GLY A 78 -9.29 3.34 8.28
CA GLY A 78 -10.56 3.04 7.66
C GLY A 78 -11.62 4.12 7.80
N GLU A 79 -11.24 5.36 8.10
CA GLU A 79 -12.24 6.43 8.13
C GLU A 79 -12.71 6.91 6.76
N ILE A 80 -11.81 6.84 5.76
CA ILE A 80 -12.12 7.24 4.42
C ILE A 80 -11.32 6.30 3.48
N LYS A 81 -11.71 6.32 2.20
CA LYS A 81 -10.98 5.75 1.07
C LYS A 81 -10.76 6.84 0.06
N LEU A 82 -9.64 6.76 -0.69
CA LEU A 82 -9.37 7.64 -1.81
C LEU A 82 -10.24 7.40 -2.97
N SER A 83 -10.88 6.22 -2.99
CA SER A 83 -11.83 5.95 -4.05
C SER A 83 -13.21 6.51 -3.66
N ASP A 84 -13.38 7.08 -2.49
CA ASP A 84 -14.66 7.72 -2.11
C ASP A 84 -14.94 8.99 -2.94
N PRO A 85 -16.19 9.18 -3.40
CA PRO A 85 -16.60 10.43 -4.05
C PRO A 85 -16.54 11.58 -3.09
N THR A 86 -16.17 12.75 -3.60
CA THR A 86 -16.12 13.93 -2.76
C THR A 86 -17.46 14.13 -2.06
N THR A 87 -18.55 13.87 -2.77
CA THR A 87 -19.87 14.17 -2.23
C THR A 87 -20.24 13.28 -1.06
N LYS A 88 -19.57 12.15 -0.94
CA LYS A 88 -19.75 11.36 0.26
C LYS A 88 -19.54 12.19 1.52
N TYR A 89 -18.55 13.10 1.54
CA TYR A 89 -18.23 13.86 2.75
C TYR A 89 -18.74 15.30 2.71
N TRP A 90 -19.20 15.74 1.53
CA TRP A 90 -19.81 17.08 1.32
C TRP A 90 -21.03 16.90 0.41
N PRO A 91 -22.14 16.35 0.95
CA PRO A 91 -23.31 16.09 0.11
C PRO A 91 -23.92 17.34 -0.44
N GLU A 92 -23.61 18.50 0.14
CA GLU A 92 -24.10 19.81 -0.34
C GLU A 92 -23.41 20.21 -1.61
N LEU A 93 -22.39 19.45 -2.02
CA LEU A 93 -21.78 19.69 -3.31
C LEU A 93 -22.59 18.97 -4.39
N THR A 94 -23.70 19.60 -4.77
CA THR A 94 -24.68 18.97 -5.62
C THR A 94 -24.48 19.32 -7.06
N ALA A 95 -23.66 20.30 -7.39
CA ALA A 95 -23.46 20.62 -8.79
C ALA A 95 -22.82 19.43 -9.55
N LYS A 96 -23.27 19.23 -10.78
CA LYS A 96 -23.08 17.93 -11.47
C LYS A 96 -21.63 17.68 -11.93
N GLN A 97 -20.85 18.75 -12.07
CA GLN A 97 -19.42 18.61 -12.34
C GLN A 97 -18.70 17.79 -11.26
N TRP A 98 -19.24 17.75 -10.04
CA TRP A 98 -18.65 16.95 -8.97
C TRP A 98 -18.83 15.45 -9.08
N ASN A 99 -19.65 15.02 -10.01
CA ASN A 99 -19.74 13.57 -10.37
C ASN A 99 -18.46 12.99 -10.88
N GLY A 100 -18.02 11.92 -10.23
CA GLY A 100 -16.78 11.27 -10.59
C GLY A 100 -15.54 11.92 -9.96
N ILE A 101 -15.68 12.98 -9.15
CA ILE A 101 -14.50 13.59 -8.50
C ILE A 101 -14.31 13.01 -7.13
N THR A 102 -13.23 12.25 -6.96
CA THR A 102 -12.97 11.48 -5.80
C THR A 102 -11.97 12.23 -4.92
N LEU A 103 -11.83 11.74 -3.71
CA LEU A 103 -10.81 12.24 -2.81
C LEU A 103 -9.44 12.06 -3.39
N LEU A 104 -9.21 10.96 -4.11
CA LEU A 104 -7.94 10.87 -4.81
C LEU A 104 -7.65 12.12 -5.66
N HIS A 105 -8.59 12.45 -6.54
CA HIS A 105 -8.49 13.58 -7.37
C HIS A 105 -8.10 14.87 -6.56
N LEU A 106 -8.73 15.12 -5.42
CA LEU A 106 -8.50 16.35 -4.71
C LEU A 106 -7.11 16.28 -4.13
N ALA A 107 -6.74 15.10 -3.62
CA ALA A 107 -5.46 15.00 -2.98
C ALA A 107 -4.31 15.17 -3.92
N THR A 108 -4.50 14.80 -5.19
CA THR A 108 -3.41 14.76 -6.12
C THR A 108 -3.52 15.77 -7.28
N TYR A 109 -4.41 16.75 -7.11
CA TYR A 109 -4.51 17.85 -8.04
C TYR A 109 -5.09 17.50 -9.40
N THR A 110 -5.88 16.42 -9.47
CA THR A 110 -6.30 15.92 -10.76
C THR A 110 -7.81 15.98 -10.92
N ALA A 111 -8.48 16.84 -10.14
CA ALA A 111 -9.93 17.00 -10.24
C ALA A 111 -10.45 17.67 -11.49
N GLY A 112 -9.58 18.35 -12.24
CA GLY A 112 -9.87 18.91 -13.58
C GLY A 112 -9.77 20.45 -13.54
N GLY A 113 -8.88 20.95 -12.70
CA GLY A 113 -8.45 22.36 -12.85
C GLY A 113 -8.91 23.24 -11.75
N LEU A 114 -9.04 22.68 -10.55
CA LEU A 114 -9.34 23.52 -9.40
C LEU A 114 -8.17 24.49 -9.28
N PRO A 115 -8.44 25.68 -8.78
CA PRO A 115 -7.43 26.73 -8.92
C PRO A 115 -6.32 26.73 -7.89
N LEU A 116 -5.24 27.39 -8.27
CA LEU A 116 -3.97 27.41 -7.48
C LEU A 116 -4.24 27.87 -6.11
N GLN A 117 -5.02 28.92 -6.01
CA GLN A 117 -5.31 29.47 -4.73
C GLN A 117 -6.81 29.62 -4.55
N VAL A 118 -7.29 29.52 -3.32
CA VAL A 118 -8.68 29.88 -3.01
C VAL A 118 -8.75 31.40 -3.02
N PRO A 119 -9.67 31.97 -3.81
CA PRO A 119 -9.95 33.41 -3.84
C PRO A 119 -10.06 34.03 -2.47
N ASP A 120 -9.46 35.20 -2.34
CA ASP A 120 -9.41 35.98 -1.08
C ASP A 120 -10.80 36.26 -0.53
N GLU A 121 -11.77 36.41 -1.44
CA GLU A 121 -13.14 36.81 -1.08
C GLU A 121 -13.76 35.73 -0.28
N VAL A 122 -13.38 34.49 -0.56
CA VAL A 122 -13.97 33.39 0.20
C VAL A 122 -13.60 33.41 1.69
N LYS A 123 -14.54 33.81 2.54
CA LYS A 123 -14.25 34.10 3.92
C LYS A 123 -15.05 33.24 4.88
N SER A 124 -16.14 32.64 4.41
CA SER A 124 -17.05 31.89 5.28
C SER A 124 -17.31 30.57 4.66
N SER A 125 -17.96 29.69 5.41
CA SER A 125 -18.14 28.33 4.95
C SER A 125 -19.23 28.30 3.86
N SER A 126 -20.17 29.22 3.93
CA SER A 126 -21.08 29.41 2.83
C SER A 126 -20.39 29.92 1.52
N ASP A 127 -19.43 30.82 1.66
CA ASP A 127 -18.71 31.33 0.50
C ASP A 127 -17.91 30.20 -0.16
N LEU A 128 -17.39 29.30 0.64
CA LEU A 128 -16.56 28.19 0.17
C LEU A 128 -17.44 27.17 -0.53
N LEU A 129 -18.66 26.92 -0.01
CA LEU A 129 -19.59 26.06 -0.74
C LEU A 129 -19.91 26.61 -2.09
N ARG A 130 -20.24 27.89 -2.15
CA ARG A 130 -20.55 28.53 -3.42
C ARG A 130 -19.38 28.50 -4.41
N PHE A 131 -18.16 28.72 -3.93
CA PHE A 131 -16.99 28.75 -4.82
C PHE A 131 -16.80 27.37 -5.49
N TYR A 132 -16.93 26.31 -4.72
CA TYR A 132 -16.79 24.98 -5.36
C TYR A 132 -18.00 24.56 -6.23
N GLN A 133 -19.21 24.99 -5.82
CA GLN A 133 -20.41 24.76 -6.64
C GLN A 133 -20.35 25.42 -7.97
N ASN A 134 -19.75 26.61 -8.02
CA ASN A 134 -19.71 27.40 -9.23
C ASN A 134 -18.54 27.09 -10.08
N TRP A 135 -17.53 26.46 -9.50
CA TRP A 135 -16.31 26.17 -10.23
C TRP A 135 -16.59 25.27 -11.41
N GLN A 136 -16.03 25.58 -12.57
CA GLN A 136 -16.24 24.83 -13.78
C GLN A 136 -14.90 24.17 -14.20
N PRO A 137 -14.87 22.82 -14.32
CA PRO A 137 -13.55 22.22 -14.64
C PRO A 137 -13.14 22.52 -16.02
N ALA A 138 -11.87 22.77 -16.27
CA ALA A 138 -11.40 22.81 -17.64
C ALA A 138 -11.23 21.40 -18.25
N TRP A 139 -11.19 20.35 -17.46
CA TRP A 139 -10.81 19.02 -17.97
C TRP A 139 -11.61 18.02 -17.18
N ALA A 140 -11.71 16.84 -17.73
CA ALA A 140 -12.39 15.79 -17.02
C ALA A 140 -11.47 15.30 -15.90
N PRO A 141 -12.06 14.78 -14.83
CA PRO A 141 -11.29 14.33 -13.70
C PRO A 141 -10.29 13.28 -14.14
N GLY A 142 -9.16 13.19 -13.44
CA GLY A 142 -8.10 12.20 -13.77
C GLY A 142 -7.38 12.28 -15.09
N THR A 143 -7.35 13.47 -15.71
CA THR A 143 -6.68 13.62 -16.96
C THR A 143 -5.52 14.67 -16.94
N GLN A 144 -5.71 15.75 -16.20
CA GLN A 144 -4.62 16.75 -15.98
C GLN A 144 -4.35 16.99 -14.50
N ARG A 145 -3.07 17.19 -14.21
CA ARG A 145 -2.58 17.75 -12.96
C ARG A 145 -2.37 19.26 -12.99
N LEU A 146 -3.08 19.97 -12.13
CA LEU A 146 -2.83 21.39 -11.91
C LEU A 146 -2.63 21.64 -10.43
N TYR A 147 -1.40 21.96 -10.03
CA TYR A 147 -0.99 22.04 -8.66
C TYR A 147 -1.92 23.13 -8.09
N ALA A 148 -2.50 22.87 -6.93
CA ALA A 148 -3.58 23.71 -6.38
C ALA A 148 -3.84 23.59 -4.87
N ASN A 149 -3.79 24.74 -4.21
CA ASN A 149 -4.10 24.83 -2.82
C ASN A 149 -5.57 24.45 -2.64
N SER A 150 -6.39 24.76 -3.62
CA SER A 150 -7.83 24.58 -3.46
C SER A 150 -8.24 23.09 -3.56
N SER A 151 -7.35 22.29 -4.08
CA SER A 151 -7.62 20.89 -4.26
C SER A 151 -7.18 20.07 -3.04
N ILE A 152 -5.88 20.14 -2.67
CA ILE A 152 -5.44 19.44 -1.49
C ILE A 152 -6.03 20.04 -0.24
N GLY A 153 -6.31 21.32 -0.31
CA GLY A 153 -6.93 21.92 0.88
C GLY A 153 -8.24 21.26 1.20
N LEU A 154 -9.06 21.08 0.17
CA LEU A 154 -10.37 20.48 0.34
C LEU A 154 -10.27 19.02 0.78
N PHE A 155 -9.33 18.31 0.18
CA PHE A 155 -9.03 16.99 0.67
C PHE A 155 -8.78 16.95 2.14
N GLY A 156 -7.92 17.85 2.64
CA GLY A 156 -7.64 17.81 4.02
C GLY A 156 -8.84 18.03 4.87
N ALA A 157 -9.67 18.99 4.49
CA ALA A 157 -10.82 19.30 5.32
C ALA A 157 -11.83 18.16 5.35
N LEU A 158 -11.96 17.45 4.24
CA LEU A 158 -12.95 16.37 4.17
C LEU A 158 -12.40 15.12 4.88
N ALA A 159 -11.08 14.88 4.77
CA ALA A 159 -10.51 13.68 5.26
C ALA A 159 -10.65 13.54 6.76
N VAL A 160 -10.74 14.66 7.49
CA VAL A 160 -10.93 14.59 8.90
C VAL A 160 -12.42 14.52 9.33
N LYS A 161 -13.36 14.66 8.45
CA LYS A 161 -14.77 14.72 8.88
C LYS A 161 -15.26 13.48 9.68
N PRO A 162 -15.00 12.25 9.21
CA PRO A 162 -15.34 11.12 10.12
C PRO A 162 -14.70 11.13 11.51
N SER A 163 -13.51 11.72 11.71
CA SER A 163 -12.88 11.59 12.98
C SER A 163 -13.69 12.42 13.97
N GLY A 164 -14.48 13.37 13.47
CA GLY A 164 -15.23 14.30 14.36
C GLY A 164 -14.34 15.39 14.93
N LEU A 165 -13.07 15.40 14.53
CA LEU A 165 -12.10 16.37 15.01
C LEU A 165 -11.96 17.43 13.95
N SER A 166 -11.64 18.65 14.40
CA SER A 166 -11.20 19.70 13.49
C SER A 166 -9.80 19.33 12.92
N PHE A 167 -9.46 20.01 11.84
CA PHE A 167 -8.22 19.76 11.10
C PHE A 167 -7.06 19.93 12.05
N GLU A 168 -7.02 21.05 12.76
CA GLU A 168 -5.95 21.29 13.71
C GLU A 168 -5.85 20.17 14.79
N GLN A 169 -6.96 19.81 15.43
CA GLN A 169 -6.94 18.78 16.46
C GLN A 169 -6.48 17.41 15.90
N ALA A 170 -6.95 17.07 14.72
CA ALA A 170 -6.53 15.76 14.15
C ALA A 170 -5.05 15.82 13.93
N MET A 171 -4.57 16.91 13.32
CA MET A 171 -3.13 17.03 13.07
C MET A 171 -2.26 16.94 14.30
N GLN A 172 -2.74 17.65 15.31
N GLN A 172 -2.66 17.65 15.34
CA GLN A 172 -2.10 17.72 16.60
CA GLN A 172 -1.86 17.62 16.56
C GLN A 172 -1.97 16.40 17.31
C GLN A 172 -1.88 16.24 17.18
N THR A 173 -3.06 15.65 17.34
CA THR A 173 -3.15 14.39 18.09
C THR A 173 -2.65 13.19 17.30
N ARG A 174 -2.89 13.18 16.00
CA ARG A 174 -2.51 12.05 15.13
C ARG A 174 -1.13 12.12 14.47
N VAL A 175 -0.52 13.33 14.40
CA VAL A 175 0.77 13.44 13.72
C VAL A 175 1.80 14.16 14.58
N PHE A 176 1.52 15.42 14.97
CA PHE A 176 2.50 16.19 15.68
C PHE A 176 2.86 15.52 17.00
N GLN A 177 1.86 15.17 17.81
CA GLN A 177 2.15 14.62 19.15
C GLN A 177 2.89 13.28 19.04
N PRO A 178 2.35 12.33 18.30
CA PRO A 178 3.13 11.05 18.36
C PRO A 178 4.52 11.16 17.82
N LEU A 179 4.79 12.04 16.87
CA LEU A 179 6.12 12.21 16.34
C LEU A 179 6.98 13.14 17.16
N LYS A 180 6.44 13.65 18.26
CA LYS A 180 7.15 14.58 19.12
C LYS A 180 7.61 15.80 18.37
N LEU A 181 6.72 16.30 17.51
CA LEU A 181 6.90 17.61 16.89
C LEU A 181 6.25 18.66 17.80
N ASN A 182 6.90 18.93 18.92
CA ASN A 182 6.35 19.80 19.95
C ASN A 182 6.52 21.30 19.72
N HIS A 183 7.14 21.69 18.60
CA HIS A 183 7.40 23.07 18.32
C HIS A 183 7.02 23.24 16.85
N THR A 184 5.96 22.56 16.48
CA THR A 184 5.28 22.70 15.21
C THR A 184 3.83 23.01 15.42
N TRP A 185 3.35 24.09 14.77
CA TRP A 185 2.08 24.74 15.10
C TRP A 185 1.32 25.09 13.83
N ILE A 186 0.02 24.90 13.88
CA ILE A 186 -0.89 25.54 12.92
C ILE A 186 -1.23 26.97 13.39
N ASN A 187 -1.36 27.12 14.69
CA ASN A 187 -1.55 28.47 15.33
C ASN A 187 -0.48 28.60 16.39
N VAL A 188 0.35 29.62 16.27
CA VAL A 188 1.47 29.76 17.17
C VAL A 188 0.92 30.29 18.52
N PRO A 189 1.14 29.59 19.63
CA PRO A 189 0.67 30.08 20.93
C PRO A 189 1.45 31.32 21.38
N PRO A 190 0.79 32.30 22.08
CA PRO A 190 1.52 33.47 22.62
C PRO A 190 2.86 33.16 23.27
N ALA A 191 2.96 32.10 24.02
CA ALA A 191 4.20 31.80 24.70
C ALA A 191 5.34 31.45 23.73
N GLU A 192 5.02 31.12 22.47
CA GLU A 192 6.03 30.65 21.50
C GLU A 192 6.31 31.77 20.52
N GLU A 193 5.59 32.89 20.63
CA GLU A 193 5.80 34.00 19.70
C GLU A 193 7.20 34.61 19.68
N LYS A 194 7.95 34.54 20.77
CA LYS A 194 9.32 34.98 20.80
C LYS A 194 10.17 34.26 19.76
N ASN A 195 9.79 33.06 19.40
CA ASN A 195 10.58 32.23 18.48
C ASN A 195 10.16 32.38 17.02
N TYR A 196 9.11 33.12 16.78
CA TYR A 196 8.53 33.18 15.45
C TYR A 196 9.22 34.22 14.59
N ALA A 197 10.09 33.78 13.66
CA ALA A 197 10.67 34.65 12.67
C ALA A 197 9.66 35.49 11.90
N TRP A 198 10.11 36.66 11.49
CA TRP A 198 9.44 37.46 10.48
C TRP A 198 9.87 37.04 9.13
N GLY A 199 8.88 36.98 8.23
CA GLY A 199 9.09 36.83 6.85
C GLY A 199 9.55 38.15 6.27
N TYR A 200 10.29 38.11 5.19
CA TYR A 200 10.64 39.38 4.46
C TYR A 200 10.23 39.37 3.05
N ARG A 201 9.42 40.37 2.73
CA ARG A 201 8.95 40.54 1.38
C ARG A 201 9.27 41.97 0.97
N GLU A 202 10.18 42.13 0.03
CA GLU A 202 10.56 43.44 -0.47
C GLU A 202 11.08 44.25 0.71
N GLY A 203 11.92 43.64 1.56
CA GLY A 203 12.37 44.28 2.82
C GLY A 203 11.36 44.57 3.93
N LYS A 204 10.07 44.30 3.71
CA LYS A 204 9.05 44.57 4.72
C LYS A 204 8.76 43.25 5.47
N ALA A 205 8.66 43.35 6.80
CA ALA A 205 8.42 42.24 7.72
C ALA A 205 6.98 41.77 7.60
N VAL A 206 6.78 40.50 7.28
CA VAL A 206 5.41 39.98 7.11
C VAL A 206 5.19 38.60 7.66
N HIS A 207 3.98 38.39 8.13
CA HIS A 207 3.51 37.06 8.48
C HIS A 207 2.29 36.74 7.66
N VAL A 208 2.08 35.44 7.47
CA VAL A 208 0.96 34.96 6.72
C VAL A 208 -0.37 35.40 7.39
N SER A 209 -1.40 35.67 6.58
CA SER A 209 -2.73 36.10 7.05
C SER A 209 -3.73 34.96 7.01
N PRO A 210 -4.77 35.01 7.85
CA PRO A 210 -5.75 33.92 7.79
C PRO A 210 -6.31 33.81 6.41
N GLY A 211 -6.66 32.58 5.99
CA GLY A 211 -7.26 32.40 4.70
C GLY A 211 -8.00 31.06 4.71
N ALA A 212 -8.97 30.94 3.83
CA ALA A 212 -9.73 29.69 3.73
C ALA A 212 -8.74 28.55 3.32
N LEU A 213 -8.86 27.44 4.04
CA LEU A 213 -8.05 26.21 3.80
C LEU A 213 -6.58 26.45 3.95
N ASP A 214 -6.26 27.44 4.81
CA ASP A 214 -4.85 27.79 5.07
C ASP A 214 -4.09 26.70 5.75
N ALA A 215 -4.64 26.20 6.85
CA ALA A 215 -4.00 25.15 7.66
C ALA A 215 -3.62 23.91 6.78
N GLU A 216 -4.56 23.58 5.93
CA GLU A 216 -4.52 22.36 5.12
C GLU A 216 -3.52 22.51 4.00
N ALA A 217 -3.45 23.73 3.43
CA ALA A 217 -2.56 24.01 2.31
C ALA A 217 -1.18 24.65 2.56
N TYR A 218 -1.07 25.52 3.51
CA TYR A 218 0.15 26.33 3.63
C TYR A 218 0.38 26.89 5.03
N GLY A 219 -0.33 26.40 6.04
CA GLY A 219 -0.39 27.05 7.39
C GLY A 219 0.45 26.56 8.55
N VAL A 220 1.38 25.64 8.30
CA VAL A 220 2.20 25.14 9.37
C VAL A 220 3.49 25.97 9.54
N LYS A 221 3.86 26.12 10.81
CA LYS A 221 5.11 26.65 11.20
C LYS A 221 5.89 25.67 12.04
N SER A 222 7.21 25.68 11.86
CA SER A 222 8.04 24.72 12.53
C SER A 222 9.46 25.17 12.67
N THR A 223 10.17 24.48 13.54
CA THR A 223 11.57 24.71 13.78
C THR A 223 12.40 23.69 12.89
N ILE A 224 13.67 23.97 12.77
CA ILE A 224 14.56 23.11 11.97
C ILE A 224 14.75 21.79 12.62
N GLU A 225 14.62 21.76 13.94
CA GLU A 225 14.77 20.51 14.66
C GLU A 225 13.56 19.64 14.41
N ASP A 226 12.38 20.24 14.50
CA ASP A 226 11.22 19.48 14.27
C ASP A 226 11.17 19.03 12.82
N MET A 227 11.59 19.88 11.90
CA MET A 227 11.52 19.51 10.51
C MET A 227 12.50 18.36 10.17
N ALA A 228 13.64 18.42 10.82
CA ALA A 228 14.63 17.35 10.70
C ALA A 228 13.96 16.07 11.21
N ARG A 229 13.24 16.16 12.30
CA ARG A 229 12.52 15.03 12.81
C ARG A 229 11.38 14.49 11.89
N TRP A 230 10.67 15.39 11.23
CA TRP A 230 9.68 15.02 10.22
C TRP A 230 10.36 14.23 9.06
N VAL A 231 11.49 14.73 8.61
CA VAL A 231 12.27 14.05 7.56
C VAL A 231 12.64 12.62 8.04
N GLN A 232 13.16 12.51 9.27
N GLN A 232 13.16 12.50 9.28
CA GLN A 232 13.50 11.20 9.82
CA GLN A 232 13.53 11.17 9.78
C GLN A 232 12.32 10.24 9.82
C GLN A 232 12.33 10.23 9.87
N SER A 233 11.16 10.72 10.26
CA SER A 233 9.96 9.92 10.32
C SER A 233 9.50 9.47 8.91
N ASN A 234 9.73 10.29 7.88
CA ASN A 234 9.28 9.92 6.55
C ASN A 234 10.37 9.06 5.83
N LEU A 235 11.62 9.19 6.23
CA LEU A 235 12.74 8.39 5.73
C LEU A 235 12.61 6.97 6.24
N LYS A 236 12.06 6.80 7.43
CA LYS A 236 12.07 5.56 8.12
C LYS A 236 10.80 5.34 8.85
N PRO A 237 9.68 5.16 8.12
CA PRO A 237 8.38 5.04 8.79
C PRO A 237 8.17 3.80 9.70
N LEU A 238 9.00 2.78 9.47
CA LEU A 238 8.78 1.50 10.15
C LEU A 238 9.18 1.61 11.61
N ASP A 239 10.04 2.60 11.89
CA ASP A 239 10.41 2.89 13.29
C ASP A 239 9.36 3.67 14.06
N ILE A 240 8.26 4.02 13.41
CA ILE A 240 7.12 4.63 14.08
C ILE A 240 6.22 3.55 14.68
N ASN A 241 5.95 3.67 15.98
CA ASN A 241 5.11 2.73 16.78
C ASN A 241 3.61 2.75 16.45
N GLU A 242 3.01 3.93 16.25
CA GLU A 242 1.59 4.03 15.89
C GLU A 242 1.34 3.52 14.53
N LYS A 243 0.58 2.43 14.46
CA LYS A 243 0.39 1.67 13.24
C LYS A 243 -0.20 2.49 12.10
N THR A 244 -1.22 3.30 12.39
CA THR A 244 -1.95 3.95 11.33
C THR A 244 -1.12 5.13 10.81
N LEU A 245 -0.26 5.66 11.65
CA LEU A 245 0.57 6.77 11.21
C LEU A 245 1.68 6.19 10.36
N GLN A 246 2.27 5.10 10.83
CA GLN A 246 3.27 4.40 10.05
C GLN A 246 2.78 4.12 8.63
N GLN A 247 1.59 3.58 8.54
CA GLN A 247 1.02 3.23 7.27
C GLN A 247 0.67 4.48 6.46
N GLY A 248 0.08 5.48 7.10
CA GLY A 248 -0.29 6.72 6.38
C GLY A 248 0.88 7.47 5.77
N ILE A 249 2.00 7.49 6.48
CA ILE A 249 3.26 7.95 5.90
C ILE A 249 3.68 7.18 4.64
N GLN A 250 3.58 5.87 4.71
CA GLN A 250 3.80 5.07 3.49
C GLN A 250 2.82 5.38 2.33
N LEU A 251 1.53 5.63 2.60
CA LEU A 251 0.58 5.86 1.57
C LEU A 251 0.82 7.27 0.93
N ALA A 252 1.38 8.19 1.68
CA ALA A 252 1.65 9.54 1.16
C ALA A 252 2.82 9.53 0.16
N GLN A 253 3.63 8.50 0.29
CA GLN A 253 4.67 8.27 -0.68
C GLN A 253 4.36 7.21 -1.71
N SER A 254 3.14 6.72 -1.78
CA SER A 254 2.73 5.93 -2.94
C SER A 254 2.72 6.77 -4.18
N ARG A 255 2.97 6.15 -5.33
CA ARG A 255 2.86 6.79 -6.59
C ARG A 255 1.50 6.61 -7.31
N TYR A 256 0.67 7.67 -7.30
CA TYR A 256 -0.66 7.66 -7.85
C TYR A 256 -0.74 8.04 -9.32
N TRP A 257 0.10 8.96 -9.77
CA TRP A 257 0.15 9.43 -11.16
C TRP A 257 1.56 9.81 -11.56
N GLN A 258 1.81 9.78 -12.86
CA GLN A 258 3.03 10.27 -13.44
C GLN A 258 2.76 11.44 -14.36
N THR A 259 3.61 12.44 -14.22
CA THR A 259 3.56 13.65 -15.03
C THR A 259 4.99 13.96 -15.34
N GLY A 260 5.39 13.97 -16.60
CA GLY A 260 6.80 14.07 -16.94
C GLY A 260 7.64 12.99 -16.29
N ASP A 261 8.67 13.40 -15.57
CA ASP A 261 9.52 12.48 -14.78
C ASP A 261 9.19 12.45 -13.28
N MET A 262 8.10 13.08 -12.82
CA MET A 262 7.75 13.02 -11.43
C MET A 262 6.43 12.20 -11.21
N TYR A 263 6.27 11.77 -9.99
CA TYR A 263 5.17 11.04 -9.51
C TYR A 263 4.48 11.80 -8.37
N GLN A 264 3.17 11.86 -8.42
CA GLN A 264 2.37 12.54 -7.34
C GLN A 264 1.99 11.57 -6.20
N GLY A 265 2.45 11.82 -4.96
CA GLY A 265 1.94 11.23 -3.75
C GLY A 265 0.84 12.12 -3.12
N LEU A 266 0.69 11.93 -1.81
CA LEU A 266 -0.26 12.74 -1.01
C LEU A 266 0.65 13.78 -0.38
N GLY A 267 0.75 14.90 -1.06
CA GLY A 267 1.60 15.99 -0.54
C GLY A 267 2.98 15.88 -1.06
N TRP A 268 3.72 14.84 -0.67
CA TRP A 268 4.95 14.51 -1.34
C TRP A 268 4.89 14.35 -2.83
N GLU A 269 5.96 14.80 -3.48
CA GLU A 269 6.24 14.45 -4.89
C GLU A 269 7.52 13.63 -4.97
N MET A 270 7.65 12.75 -5.97
CA MET A 270 8.82 11.82 -5.97
C MET A 270 9.30 11.65 -7.40
N LEU A 271 10.56 11.25 -7.49
CA LEU A 271 11.22 10.96 -8.75
C LEU A 271 12.10 9.75 -8.48
N ASP A 272 12.35 8.94 -9.49
CA ASP A 272 13.28 7.82 -9.30
C ASP A 272 14.69 8.31 -9.06
N TRP A 273 15.36 7.64 -8.12
CA TRP A 273 16.75 7.88 -7.82
C TRP A 273 17.55 6.74 -8.52
N PRO A 274 18.67 7.07 -9.13
CA PRO A 274 19.29 8.38 -9.31
C PRO A 274 18.48 9.28 -10.22
N VAL A 275 18.56 10.57 -9.94
CA VAL A 275 17.79 11.54 -10.71
C VAL A 275 18.67 12.42 -11.51
N ASN A 276 18.15 12.87 -12.61
CA ASN A 276 18.82 13.88 -13.38
C ASN A 276 18.49 15.20 -12.66
N PRO A 277 19.52 15.92 -12.18
CA PRO A 277 19.26 17.16 -11.44
C PRO A 277 18.49 18.15 -12.27
N ASP A 278 18.70 18.10 -13.57
CA ASP A 278 17.96 19.00 -14.46
C ASP A 278 16.43 18.82 -14.34
N SER A 279 15.95 17.60 -14.10
CA SER A 279 14.50 17.35 -13.94
C SER A 279 13.95 18.04 -12.70
N ILE A 280 14.64 17.88 -11.59
CA ILE A 280 14.15 18.47 -10.35
C ILE A 280 14.39 19.98 -10.34
N ILE A 281 15.51 20.43 -10.89
CA ILE A 281 15.78 21.87 -10.83
C ILE A 281 14.84 22.65 -11.71
N ASN A 282 14.73 22.21 -12.96
CA ASN A 282 13.85 22.87 -13.91
C ASN A 282 12.41 22.57 -13.60
N GLY A 283 12.14 21.33 -13.17
CA GLY A 283 10.81 20.93 -12.77
C GLY A 283 10.26 21.79 -11.65
N SER A 284 11.13 22.35 -10.78
CA SER A 284 10.64 23.16 -9.65
C SER A 284 10.31 24.53 -10.11
N ASP A 285 10.80 24.96 -11.29
CA ASP A 285 10.46 26.30 -11.79
C ASP A 285 8.97 26.37 -12.02
N ASN A 286 8.37 27.46 -11.60
CA ASN A 286 6.97 27.61 -11.66
C ASN A 286 6.40 27.56 -13.08
N LYS A 287 7.17 27.94 -14.08
CA LYS A 287 6.77 27.68 -15.46
C LYS A 287 6.37 26.20 -15.70
N ILE A 288 6.94 25.25 -14.94
CA ILE A 288 6.60 23.82 -15.00
C ILE A 288 5.75 23.36 -13.80
N ALA A 289 6.19 23.72 -12.60
CA ALA A 289 5.56 23.27 -11.38
C ALA A 289 4.12 23.77 -11.29
N LEU A 290 3.82 24.91 -11.88
CA LEU A 290 2.44 25.42 -11.80
C LEU A 290 1.65 25.16 -13.12
N ALA A 291 2.22 24.40 -14.05
CA ALA A 291 1.64 24.27 -15.40
C ALA A 291 0.64 23.14 -15.29
N ALA A 292 -0.44 23.21 -16.05
CA ALA A 292 -1.31 22.06 -16.24
C ALA A 292 -0.61 21.04 -17.15
N ARG A 293 -0.50 19.79 -16.73
CA ARG A 293 0.19 18.78 -17.52
C ARG A 293 -0.57 17.46 -17.48
N PRO A 294 -0.51 16.72 -18.58
CA PRO A 294 -1.32 15.48 -18.59
C PRO A 294 -0.78 14.52 -17.55
N VAL A 295 -1.64 13.69 -16.99
CA VAL A 295 -1.20 12.66 -16.07
C VAL A 295 -1.44 11.30 -16.64
N LYS A 296 -0.51 10.38 -16.39
CA LYS A 296 -0.79 8.92 -16.59
C LYS A 296 -1.15 8.28 -15.25
N ALA A 297 -2.18 7.45 -15.22
CA ALA A 297 -2.53 6.77 -13.99
C ALA A 297 -1.55 5.64 -13.75
N ILE A 298 -1.24 5.38 -12.48
CA ILE A 298 -0.43 4.25 -12.13
C ILE A 298 -1.45 3.30 -11.46
N THR A 299 -1.75 2.21 -12.15
CA THR A 299 -2.86 1.36 -11.82
C THR A 299 -2.31 -0.06 -11.56
N PRO A 300 -2.18 -0.46 -10.32
CA PRO A 300 -2.60 0.35 -9.18
C PRO A 300 -1.40 1.13 -8.68
N PRO A 301 -1.62 2.06 -7.76
CA PRO A 301 -0.48 2.88 -7.38
C PRO A 301 0.73 2.12 -6.83
N THR A 302 1.92 2.59 -7.09
CA THR A 302 3.12 1.93 -6.62
C THR A 302 3.43 2.22 -5.16
N PRO A 303 3.63 1.17 -4.34
CA PRO A 303 3.88 1.53 -2.96
C PRO A 303 5.16 2.29 -2.87
N ALA A 304 5.33 3.09 -1.82
CA ALA A 304 6.56 3.83 -1.56
C ALA A 304 7.86 3.17 -2.06
N VAL A 305 8.52 3.80 -3.03
CA VAL A 305 9.76 3.24 -3.63
C VAL A 305 10.98 3.82 -2.89
N ARG A 306 11.76 2.91 -2.33
CA ARG A 306 12.83 3.34 -1.47
C ARG A 306 13.89 4.10 -2.27
N ALA A 307 14.04 3.73 -3.56
CA ALA A 307 15.00 4.42 -4.47
C ALA A 307 14.36 5.68 -5.09
N SER A 308 14.05 6.68 -4.25
CA SER A 308 13.36 7.84 -4.71
C SER A 308 14.00 9.09 -4.16
N TRP A 309 13.92 10.18 -4.93
CA TRP A 309 14.08 11.51 -4.38
C TRP A 309 12.64 11.96 -4.05
N VAL A 310 12.38 12.33 -2.80
CA VAL A 310 11.05 12.65 -2.36
C VAL A 310 11.20 14.07 -1.82
N HIS A 311 10.33 14.96 -2.29
CA HIS A 311 10.54 16.34 -1.95
C HIS A 311 9.27 17.17 -1.97
N LYS A 312 9.42 18.43 -1.56
CA LYS A 312 8.31 19.41 -1.61
C LYS A 312 8.88 20.79 -1.31
N THR A 313 8.45 21.77 -2.15
CA THR A 313 8.78 23.16 -2.03
C THR A 313 7.60 23.86 -1.28
N GLY A 314 7.86 25.00 -0.70
CA GLY A 314 6.74 25.76 -0.03
C GLY A 314 7.13 27.19 0.09
N ALA A 315 6.16 28.09 -0.04
CA ALA A 315 6.48 29.49 0.15
C ALA A 315 5.25 30.16 0.72
N THR A 316 5.53 31.23 1.41
CA THR A 316 4.48 32.22 1.73
C THR A 316 5.00 33.59 1.18
N GLY A 317 4.34 34.68 1.52
CA GLY A 317 4.77 36.00 1.03
C GLY A 317 6.20 36.22 1.46
N GLY A 318 6.56 35.78 2.63
CA GLY A 318 7.83 36.14 3.19
C GLY A 318 8.77 34.98 3.54
N PHE A 319 8.42 33.74 3.18
CA PHE A 319 9.28 32.62 3.52
C PHE A 319 9.40 31.67 2.36
N GLY A 320 10.50 30.91 2.34
CA GLY A 320 10.74 29.95 1.28
C GLY A 320 11.35 28.71 1.90
N SER A 321 10.76 27.55 1.66
CA SER A 321 11.21 26.32 2.23
C SER A 321 11.33 25.17 1.21
N TYR A 322 12.15 24.20 1.56
CA TYR A 322 12.32 22.95 0.75
C TYR A 322 12.77 21.83 1.64
N VAL A 323 12.17 20.66 1.41
CA VAL A 323 12.51 19.43 2.05
C VAL A 323 12.74 18.37 0.96
N ALA A 324 13.82 17.62 1.09
CA ALA A 324 14.09 16.43 0.14
C ALA A 324 14.77 15.39 0.89
N PHE A 325 14.46 14.13 0.52
CA PHE A 325 15.14 12.97 1.11
C PHE A 325 15.14 11.78 0.19
N ILE A 326 16.02 10.85 0.49
CA ILE A 326 16.27 9.65 -0.34
C ILE A 326 16.28 8.49 0.61
N PRO A 327 15.15 7.80 0.75
CA PRO A 327 15.06 6.76 1.76
C PRO A 327 16.15 5.67 1.68
N GLU A 328 16.52 5.33 0.48
CA GLU A 328 17.46 4.25 0.34
C GLU A 328 18.82 4.65 0.84
N LYS A 329 19.15 5.96 0.85
CA LYS A 329 20.44 6.44 1.37
C LYS A 329 20.40 7.02 2.77
N GLU A 330 19.24 7.01 3.39
CA GLU A 330 19.10 7.61 4.68
C GLU A 330 19.65 9.04 4.70
N LEU A 331 19.33 9.81 3.66
CA LEU A 331 19.85 11.14 3.45
C LEU A 331 18.68 12.07 3.23
N GLY A 332 18.73 13.25 3.85
CA GLY A 332 17.66 14.26 3.66
C GLY A 332 18.18 15.65 3.97
N ILE A 333 17.42 16.67 3.59
CA ILE A 333 17.83 18.02 3.83
C ILE A 333 16.57 18.84 4.05
N VAL A 334 16.66 19.78 4.97
CA VAL A 334 15.59 20.77 5.18
C VAL A 334 16.28 22.14 5.05
N MET A 335 15.68 23.03 4.26
CA MET A 335 16.13 24.38 4.01
C MET A 335 14.98 25.40 4.37
N LEU A 336 15.16 26.16 5.40
CA LEU A 336 14.04 27.08 5.83
C LEU A 336 14.62 28.48 5.77
N ALA A 337 13.95 29.37 5.07
CA ALA A 337 14.47 30.72 4.94
C ALA A 337 13.32 31.71 5.16
N ASN A 338 13.62 32.87 5.69
CA ASN A 338 12.57 33.92 5.77
C ASN A 338 12.63 35.00 4.67
N LYS A 339 12.81 34.52 3.44
CA LYS A 339 12.48 35.19 2.19
C LYS A 339 12.00 34.10 1.20
N ASN A 340 10.98 34.41 0.42
CA ASN A 340 10.62 33.62 -0.75
C ASN A 340 11.60 33.91 -1.89
N TYR A 341 12.46 32.96 -2.20
CA TYR A 341 13.42 33.15 -3.27
C TYR A 341 13.15 31.96 -4.19
N PRO A 342 13.60 32.04 -5.44
CA PRO A 342 13.06 31.09 -6.49
C PRO A 342 13.32 29.59 -6.19
N ASN A 343 12.33 28.74 -6.46
CA ASN A 343 12.46 27.31 -6.22
C ASN A 343 13.71 26.72 -6.82
N PRO A 344 14.03 27.11 -8.04
CA PRO A 344 15.17 26.30 -8.59
C PRO A 344 16.52 26.49 -7.87
N ALA A 345 16.71 27.67 -7.29
CA ALA A 345 17.89 27.88 -6.47
C ALA A 345 17.88 26.98 -5.25
N ARG A 346 16.70 26.73 -4.70
CA ARG A 346 16.61 25.81 -3.55
C ARG A 346 17.02 24.43 -3.99
N VAL A 347 16.44 24.00 -5.08
CA VAL A 347 16.62 22.61 -5.42
C VAL A 347 18.07 22.37 -5.86
N ASP A 348 18.64 23.28 -6.64
CA ASP A 348 20.06 23.21 -6.99
C ASP A 348 20.97 23.10 -5.75
N ALA A 349 20.70 23.89 -4.74
CA ALA A 349 21.54 23.81 -3.53
C ALA A 349 21.41 22.48 -2.86
N ALA A 350 20.17 21.94 -2.80
CA ALA A 350 19.94 20.71 -2.11
C ALA A 350 20.58 19.56 -2.85
N TRP A 351 20.38 19.50 -4.15
N TRP A 351 20.57 19.71 -4.17
CA TRP A 351 20.91 18.32 -4.88
CA TRP A 351 21.29 18.80 -5.06
C TRP A 351 22.43 18.20 -4.69
C TRP A 351 22.79 18.92 -4.79
N GLN A 352 23.15 19.31 -4.85
N GLN A 352 23.33 20.13 -4.84
CA GLN A 352 24.63 19.29 -4.74
CA GLN A 352 24.79 20.32 -4.64
C GLN A 352 24.99 18.89 -3.36
C GLN A 352 25.24 19.59 -3.36
N ILE A 353 24.36 19.51 -2.36
CA ILE A 353 24.66 19.00 -1.02
C ILE A 353 24.44 17.51 -0.92
N LEU A 354 23.27 17.05 -1.37
CA LEU A 354 22.91 15.66 -1.11
C LEU A 354 23.78 14.69 -1.97
N ASN A 355 24.05 15.11 -3.17
CA ASN A 355 24.83 14.31 -4.10
C ASN A 355 26.26 14.11 -3.63
N ALA A 356 26.84 15.18 -3.09
CA ALA A 356 28.14 15.15 -2.47
C ALA A 356 28.26 14.25 -1.29
N LEU A 357 27.16 13.98 -0.59
CA LEU A 357 27.17 13.19 0.61
C LEU A 357 26.75 11.80 0.33
N GLN A 358 26.25 11.58 -0.86
CA GLN A 358 25.69 10.30 -1.16
C GLN A 358 26.84 9.44 -1.67
N ALA B 1 -8.14 -26.63 24.94
CA ALA B 1 -9.21 -25.97 24.13
C ALA B 1 -10.44 -25.67 24.99
N PRO B 2 -10.82 -24.37 25.09
CA PRO B 2 -12.14 -23.98 25.61
C PRO B 2 -13.26 -24.90 25.12
N GLN B 3 -14.19 -25.28 25.98
CA GLN B 3 -15.20 -26.28 25.56
C GLN B 3 -15.83 -25.84 24.27
N GLN B 4 -16.31 -24.60 24.25
CA GLN B 4 -17.01 -24.13 23.06
C GLN B 4 -16.29 -24.56 21.76
N ILE B 5 -14.94 -24.61 21.77
CA ILE B 5 -14.20 -25.05 20.57
C ILE B 5 -14.45 -26.52 20.23
N ASN B 6 -14.06 -27.40 21.15
CA ASN B 6 -14.40 -28.81 21.08
C ASN B 6 -15.83 -29.12 20.64
N ASP B 7 -16.75 -28.42 21.32
CA ASP B 7 -18.19 -28.50 21.14
C ASP B 7 -18.46 -28.45 19.67
N ILE B 8 -18.13 -27.26 19.14
CA ILE B 8 -18.53 -26.97 17.81
C ILE B 8 -17.79 -27.90 16.83
N VAL B 9 -16.50 -28.12 17.09
CA VAL B 9 -15.68 -28.73 16.09
C VAL B 9 -16.25 -30.13 15.92
N HIS B 10 -16.40 -30.86 17.03
CA HIS B 10 -16.83 -32.24 16.92
C HIS B 10 -18.24 -32.36 16.34
N ARG B 11 -19.12 -31.46 16.75
N ARG B 11 -19.13 -31.46 16.76
CA ARG B 11 -20.49 -31.43 16.27
CA ARG B 11 -20.51 -31.40 16.28
C ARG B 11 -20.54 -31.21 14.76
C ARG B 11 -20.56 -31.20 14.77
N THR B 12 -19.70 -30.30 14.26
CA THR B 12 -19.71 -29.89 12.84
C THR B 12 -18.88 -30.85 11.95
N ILE B 13 -17.65 -31.16 12.35
CA ILE B 13 -16.77 -31.93 11.48
C ILE B 13 -17.15 -33.40 11.40
N THR B 14 -17.53 -33.99 12.52
CA THR B 14 -17.76 -35.43 12.51
C THR B 14 -18.81 -35.84 11.47
N PRO B 15 -20.00 -35.23 11.54
CA PRO B 15 -20.99 -35.54 10.50
C PRO B 15 -20.53 -35.20 9.10
N LEU B 16 -19.69 -34.16 8.98
CA LEU B 16 -19.16 -33.75 7.68
C LEU B 16 -18.31 -34.89 7.05
N ILE B 17 -17.41 -35.44 7.85
CA ILE B 17 -16.55 -36.55 7.43
C ILE B 17 -17.37 -37.74 6.96
N GLU B 18 -18.39 -38.06 7.76
CA GLU B 18 -19.32 -39.18 7.48
C GLU B 18 -20.20 -38.88 6.26
N GLN B 19 -20.77 -37.66 6.24
CA GLN B 19 -21.54 -37.23 5.06
C GLN B 19 -20.65 -37.33 3.80
N GLN B 20 -19.45 -36.75 3.81
CA GLN B 20 -18.60 -36.73 2.58
C GLN B 20 -17.69 -37.95 2.39
N LYS B 21 -17.69 -38.87 3.36
CA LYS B 21 -16.89 -40.09 3.34
C LYS B 21 -15.39 -39.81 3.25
N ILE B 22 -14.97 -38.88 4.10
CA ILE B 22 -13.60 -38.32 3.97
C ILE B 22 -12.70 -39.25 4.76
N PRO B 23 -11.62 -39.78 4.14
CA PRO B 23 -10.85 -40.77 4.86
C PRO B 23 -10.02 -40.17 5.92
N GLY B 24 -9.48 -38.98 5.65
CA GLY B 24 -8.64 -38.32 6.62
C GLY B 24 -8.78 -36.81 6.56
N MET B 25 -8.71 -36.21 7.73
CA MET B 25 -8.91 -34.76 7.86
C MET B 25 -8.15 -34.17 9.04
N ALA B 26 -7.68 -32.90 8.87
CA ALA B 26 -7.04 -32.17 9.96
C ALA B 26 -7.62 -30.75 9.97
N VAL B 27 -7.92 -30.29 11.16
CA VAL B 27 -8.54 -28.98 11.39
C VAL B 27 -7.72 -28.23 12.43
N ALA B 28 -7.48 -26.96 12.17
CA ALA B 28 -6.90 -26.09 13.17
C ALA B 28 -7.84 -24.88 13.30
N VAL B 29 -8.11 -24.47 14.53
CA VAL B 29 -8.94 -23.30 14.83
C VAL B 29 -8.05 -22.35 15.57
N ILE B 30 -7.96 -21.13 15.09
CA ILE B 30 -7.15 -20.15 15.78
C ILE B 30 -8.14 -19.33 16.49
N TYR B 31 -7.98 -19.27 17.80
CA TYR B 31 -8.93 -18.59 18.71
C TYR B 31 -8.15 -17.66 19.62
N GLN B 32 -8.54 -16.40 19.64
CA GLN B 32 -7.76 -15.31 20.25
C GLN B 32 -6.29 -15.60 20.02
N GLY B 33 -5.86 -15.58 18.76
CA GLY B 33 -4.44 -15.80 18.44
C GLY B 33 -3.74 -17.17 18.67
N LYS B 34 -4.39 -18.15 19.33
CA LYS B 34 -3.78 -19.46 19.62
C LYS B 34 -4.40 -20.60 18.79
N PRO B 35 -3.59 -21.56 18.38
CA PRO B 35 -4.11 -22.67 17.60
C PRO B 35 -4.55 -23.88 18.45
N TYR B 36 -5.57 -24.62 17.97
CA TYR B 36 -6.16 -25.81 18.61
C TYR B 36 -6.41 -26.80 17.49
N TYR B 37 -5.91 -28.01 17.68
CA TYR B 37 -5.81 -28.98 16.61
C TYR B 37 -6.71 -30.23 16.75
N PHE B 38 -7.22 -30.70 15.63
CA PHE B 38 -8.05 -31.88 15.64
C PHE B 38 -7.69 -32.73 14.42
N THR B 39 -7.53 -34.04 14.57
CA THR B 39 -7.34 -34.88 13.42
C THR B 39 -8.26 -36.09 13.50
N TRP B 40 -8.59 -36.64 12.32
CA TRP B 40 -9.48 -37.79 12.17
C TRP B 40 -8.90 -38.68 11.06
N GLY B 41 -8.99 -39.97 11.23
CA GLY B 41 -8.88 -40.84 10.06
C GLY B 41 -7.46 -41.18 9.66
N TYR B 42 -7.36 -41.63 8.42
CA TYR B 42 -6.11 -42.14 7.80
C TYR B 42 -5.51 -41.18 6.75
N ALA B 43 -4.18 -41.02 6.81
CA ALA B 43 -3.39 -40.32 5.79
C ALA B 43 -3.16 -41.33 4.69
N ASP B 44 -3.03 -42.61 5.11
CA ASP B 44 -2.88 -43.73 4.14
C ASP B 44 -3.79 -44.86 4.62
N ILE B 45 -4.83 -45.14 3.83
CA ILE B 45 -5.85 -46.13 4.16
C ILE B 45 -5.21 -47.53 4.17
N ALA B 46 -4.66 -47.96 3.02
CA ALA B 46 -3.97 -49.27 2.91
C ALA B 46 -2.96 -49.53 4.07
N LYS B 47 -2.17 -48.52 4.47
CA LYS B 47 -1.20 -48.64 5.56
C LYS B 47 -1.88 -48.51 6.94
N LYS B 48 -3.15 -48.13 6.96
CA LYS B 48 -3.81 -47.71 8.20
C LYS B 48 -2.92 -46.76 9.01
N GLN B 49 -2.32 -45.78 8.31
CA GLN B 49 -1.51 -44.74 8.94
C GLN B 49 -2.43 -43.55 9.28
N PRO B 50 -2.56 -43.22 10.58
CA PRO B 50 -3.46 -42.15 10.99
C PRO B 50 -2.98 -40.82 10.48
N VAL B 51 -3.93 -39.91 10.24
CA VAL B 51 -3.63 -38.49 10.20
C VAL B 51 -3.05 -38.06 11.56
N THR B 52 -1.98 -37.23 11.54
CA THR B 52 -1.38 -36.67 12.77
C THR B 52 -1.07 -35.22 12.52
N GLN B 53 -0.50 -34.59 13.52
CA GLN B 53 0.00 -33.22 13.38
C GLN B 53 1.08 -33.06 12.28
N GLN B 54 1.74 -34.14 11.92
CA GLN B 54 2.85 -34.06 10.95
C GLN B 54 2.44 -34.46 9.55
N THR B 55 1.15 -34.77 9.33
CA THR B 55 0.74 -35.24 8.02
C THR B 55 0.73 -34.06 7.06
N LEU B 56 1.33 -34.25 5.90
CA LEU B 56 1.28 -33.26 4.81
C LEU B 56 0.11 -33.51 3.94
N PHE B 57 -0.64 -32.42 3.63
CA PHE B 57 -1.73 -32.45 2.66
C PHE B 57 -1.42 -31.59 1.45
N GLU B 58 -2.00 -31.93 0.30
CA GLU B 58 -1.93 -31.12 -0.93
C GLU B 58 -2.91 -29.94 -0.70
N LEU B 59 -2.40 -28.73 -0.67
CA LEU B 59 -3.27 -27.54 -0.46
C LEU B 59 -4.12 -27.19 -1.68
N GLY B 60 -3.65 -27.63 -2.85
CA GLY B 60 -4.28 -27.30 -4.13
C GLY B 60 -4.20 -25.76 -4.24
N SER B 61 -5.33 -25.17 -4.54
CA SER B 61 -5.37 -23.77 -4.87
C SER B 61 -5.16 -22.87 -3.66
N VAL B 62 -5.22 -23.39 -2.45
CA VAL B 62 -4.85 -22.58 -1.31
C VAL B 62 -3.38 -22.06 -1.45
N SER B 63 -2.55 -22.80 -2.24
CA SER B 63 -1.21 -22.38 -2.61
C SER B 63 -1.17 -20.93 -3.19
N LYS B 64 -2.26 -20.54 -3.85
CA LYS B 64 -2.39 -19.19 -4.43
C LYS B 64 -2.17 -18.12 -3.36
N THR B 65 -2.44 -18.42 -2.09
CA THR B 65 -2.22 -17.43 -1.03
C THR B 65 -0.73 -17.20 -0.80
N PHE B 66 0.04 -18.29 -0.93
CA PHE B 66 1.48 -18.16 -0.86
C PHE B 66 1.98 -17.38 -2.05
N THR B 67 1.43 -17.68 -3.22
CA THR B 67 1.87 -17.01 -4.46
C THR B 67 1.56 -15.50 -4.37
N GLY B 68 0.40 -15.16 -3.84
CA GLY B 68 0.03 -13.68 -3.69
C GLY B 68 0.95 -12.93 -2.73
N VAL B 69 1.14 -13.52 -1.59
CA VAL B 69 2.10 -13.00 -0.63
C VAL B 69 3.58 -12.93 -1.15
N LEU B 70 4.01 -13.90 -1.93
CA LEU B 70 5.38 -13.80 -2.49
C LEU B 70 5.45 -12.67 -3.45
N GLY B 71 4.41 -12.54 -4.24
CA GLY B 71 4.31 -11.40 -5.13
C GLY B 71 4.28 -10.04 -4.42
N GLY B 72 3.51 -9.99 -3.36
CA GLY B 72 3.46 -8.82 -2.48
C GLY B 72 4.84 -8.45 -1.95
N ASP B 73 5.59 -9.46 -1.53
CA ASP B 73 6.97 -9.31 -1.11
C ASP B 73 7.87 -8.72 -2.19
N ALA B 74 7.71 -9.18 -3.41
CA ALA B 74 8.51 -8.72 -4.54
C ALA B 74 8.20 -7.21 -4.86
N ILE B 75 6.94 -6.85 -4.81
CA ILE B 75 6.54 -5.44 -4.93
C ILE B 75 7.24 -4.64 -3.84
N ALA B 76 7.17 -5.08 -2.59
CA ALA B 76 7.76 -4.37 -1.48
C ALA B 76 9.24 -4.27 -1.64
N ARG B 77 9.85 -5.25 -2.27
CA ARG B 77 11.27 -5.23 -2.52
C ARG B 77 11.61 -4.26 -3.60
N GLY B 78 10.62 -3.68 -4.27
CA GLY B 78 10.88 -2.82 -5.43
C GLY B 78 11.29 -3.57 -6.70
N GLU B 79 11.02 -4.87 -6.76
CA GLU B 79 11.45 -5.70 -7.92
C GLU B 79 10.42 -5.72 -9.10
N ILE B 80 9.15 -5.58 -8.81
CA ILE B 80 8.12 -5.50 -9.82
C ILE B 80 7.09 -4.50 -9.30
N LYS B 81 6.24 -4.04 -10.21
CA LYS B 81 5.03 -3.26 -9.88
C LYS B 81 3.85 -3.96 -10.50
N LEU B 82 2.68 -3.87 -9.87
CA LEU B 82 1.49 -4.52 -10.44
C LEU B 82 0.97 -3.76 -11.63
N SER B 83 1.43 -2.51 -11.80
CA SER B 83 1.16 -1.84 -13.02
C SER B 83 2.09 -2.17 -14.17
N ASP B 84 3.09 -3.02 -14.00
CA ASP B 84 3.98 -3.42 -15.09
C ASP B 84 3.19 -4.26 -16.10
N PRO B 85 3.38 -3.99 -17.40
CA PRO B 85 2.88 -4.92 -18.41
C PRO B 85 3.54 -6.26 -18.27
N THR B 86 2.80 -7.31 -18.57
CA THR B 86 3.27 -8.68 -18.52
C THR B 86 4.54 -8.83 -19.40
N THR B 87 4.57 -8.11 -20.52
CA THR B 87 5.68 -8.15 -21.50
C THR B 87 6.97 -7.62 -20.97
N LYS B 88 6.89 -6.85 -19.89
CA LYS B 88 8.10 -6.34 -19.30
C LYS B 88 8.92 -7.54 -18.81
N TYR B 89 8.29 -8.62 -18.33
CA TYR B 89 8.99 -9.78 -17.76
C TYR B 89 8.98 -10.97 -18.67
N TRP B 90 8.23 -10.87 -19.74
CA TRP B 90 8.22 -11.94 -20.78
C TRP B 90 8.12 -11.31 -22.14
N PRO B 91 9.25 -10.83 -22.66
CA PRO B 91 9.21 -10.01 -23.88
C PRO B 91 8.83 -10.78 -25.15
N GLU B 92 9.05 -12.09 -25.12
CA GLU B 92 8.61 -13.05 -26.16
C GLU B 92 7.10 -13.17 -26.33
N LEU B 93 6.34 -12.71 -25.36
CA LEU B 93 4.87 -12.62 -25.54
C LEU B 93 4.51 -11.41 -26.36
N THR B 94 4.69 -11.51 -27.67
CA THR B 94 4.52 -10.38 -28.59
C THR B 94 3.19 -10.22 -29.27
N ALA B 95 2.26 -11.18 -29.15
CA ALA B 95 1.01 -11.12 -29.89
C ALA B 95 0.20 -9.92 -29.33
N LYS B 96 -0.53 -9.29 -30.22
CA LYS B 96 -1.19 -7.99 -29.94
C LYS B 96 -2.19 -8.02 -28.79
N GLN B 97 -2.70 -9.18 -28.46
CA GLN B 97 -3.71 -9.25 -27.39
C GLN B 97 -3.12 -9.05 -25.97
N TRP B 98 -1.81 -9.19 -25.86
CA TRP B 98 -1.14 -8.96 -24.62
C TRP B 98 -0.94 -7.49 -24.24
N ASN B 99 -1.15 -6.56 -25.17
N ASN B 99 -1.21 -6.57 -25.19
CA ASN B 99 -0.82 -5.19 -24.88
CA ASN B 99 -1.05 -5.12 -24.96
C ASN B 99 -1.94 -4.63 -23.96
C ASN B 99 -2.03 -4.70 -23.88
N GLY B 100 -1.52 -4.11 -22.81
CA GLY B 100 -2.42 -3.60 -21.80
C GLY B 100 -2.73 -4.63 -20.73
N ILE B 101 -2.22 -5.86 -20.85
CA ILE B 101 -2.35 -6.84 -19.77
C ILE B 101 -1.17 -6.77 -18.77
N THR B 102 -1.51 -6.39 -17.55
CA THR B 102 -0.51 -6.08 -16.55
C THR B 102 -0.46 -7.18 -15.56
N LEU B 103 0.53 -7.11 -14.72
CA LEU B 103 0.69 -8.10 -13.67
C LEU B 103 -0.54 -8.04 -12.78
N LEU B 104 -1.10 -6.84 -12.58
CA LEU B 104 -2.31 -6.82 -11.71
C LEU B 104 -3.34 -7.73 -12.29
N HIS B 105 -3.57 -7.60 -13.58
CA HIS B 105 -4.58 -8.45 -14.19
C HIS B 105 -4.31 -9.96 -13.99
N LEU B 106 -3.06 -10.39 -14.18
CA LEU B 106 -2.82 -11.82 -14.03
C LEU B 106 -3.10 -12.28 -12.60
N ALA B 107 -2.64 -11.48 -11.63
CA ALA B 107 -2.71 -11.84 -10.28
C ALA B 107 -4.12 -11.90 -9.78
N THR B 108 -5.03 -11.14 -10.40
CA THR B 108 -6.38 -11.00 -9.89
C THR B 108 -7.44 -11.52 -10.87
N TYR B 109 -7.02 -12.37 -11.82
CA TYR B 109 -7.91 -13.02 -12.76
C TYR B 109 -8.73 -12.11 -13.67
N THR B 110 -8.24 -10.89 -13.94
CA THR B 110 -8.93 -9.99 -14.76
C THR B 110 -8.28 -9.71 -16.10
N ALA B 111 -7.40 -10.60 -16.58
CA ALA B 111 -6.76 -10.38 -17.87
C ALA B 111 -7.71 -10.48 -19.11
N GLY B 112 -8.86 -11.10 -18.95
CA GLY B 112 -9.80 -11.14 -20.00
C GLY B 112 -10.13 -12.55 -20.40
N GLY B 113 -10.10 -13.46 -19.44
CA GLY B 113 -10.53 -14.84 -19.69
C GLY B 113 -9.42 -15.82 -19.98
N LEU B 114 -8.28 -15.66 -19.31
CA LEU B 114 -7.29 -16.75 -19.27
C LEU B 114 -7.94 -17.92 -18.66
N PRO B 115 -7.56 -19.13 -19.11
CA PRO B 115 -8.40 -20.28 -18.84
C PRO B 115 -8.16 -20.85 -17.50
N LEU B 116 -9.21 -21.47 -16.98
CA LEU B 116 -9.25 -22.09 -15.66
C LEU B 116 -8.05 -22.95 -15.39
N GLN B 117 -7.67 -23.73 -16.40
CA GLN B 117 -6.56 -24.63 -16.27
C GLN B 117 -5.68 -24.52 -17.44
N VAL B 118 -4.39 -24.66 -17.17
CA VAL B 118 -3.41 -24.84 -18.22
C VAL B 118 -3.60 -26.27 -18.78
N PRO B 119 -3.78 -26.44 -20.08
CA PRO B 119 -4.03 -27.81 -20.56
C PRO B 119 -2.88 -28.77 -20.31
N ASP B 120 -3.20 -29.99 -19.88
CA ASP B 120 -2.23 -31.05 -19.65
C ASP B 120 -1.23 -31.28 -20.74
N GLU B 121 -1.55 -30.92 -21.96
CA GLU B 121 -0.61 -31.19 -23.05
C GLU B 121 0.51 -30.16 -22.97
N VAL B 122 0.32 -29.06 -22.24
CA VAL B 122 1.44 -28.07 -22.14
C VAL B 122 2.53 -28.55 -21.19
N LYS B 123 3.72 -28.78 -21.72
CA LYS B 123 4.80 -29.40 -20.96
C LYS B 123 6.04 -28.53 -20.91
N SER B 124 6.58 -28.22 -22.08
CA SER B 124 7.83 -27.47 -22.15
C SER B 124 7.54 -26.01 -22.07
N SER B 125 8.61 -25.25 -21.81
CA SER B 125 8.52 -23.80 -21.74
C SER B 125 8.13 -23.30 -23.13
N SER B 126 8.48 -24.09 -24.15
CA SER B 126 8.07 -23.80 -25.53
C SER B 126 6.51 -23.85 -25.76
N ASP B 127 5.92 -24.95 -25.34
CA ASP B 127 4.44 -25.15 -25.28
C ASP B 127 3.76 -24.03 -24.49
N LEU B 128 4.41 -23.63 -23.41
CA LEU B 128 3.86 -22.63 -22.54
C LEU B 128 3.82 -21.29 -23.23
N LEU B 129 4.89 -20.91 -23.93
CA LEU B 129 4.87 -19.70 -24.71
C LEU B 129 3.78 -19.76 -25.81
N ARG B 130 3.76 -20.84 -26.56
CA ARG B 130 2.78 -21.02 -27.61
C ARG B 130 1.37 -20.91 -27.05
N PHE B 131 1.14 -21.52 -25.90
CA PHE B 131 -0.19 -21.50 -25.28
C PHE B 131 -0.68 -20.06 -25.01
N TYR B 132 0.19 -19.26 -24.39
CA TYR B 132 -0.21 -17.89 -24.06
C TYR B 132 -0.20 -16.99 -25.26
N GLN B 133 0.70 -17.22 -26.22
CA GLN B 133 0.71 -16.46 -27.48
C GLN B 133 -0.51 -16.74 -28.36
N ASN B 134 -1.11 -17.92 -28.25
CA ASN B 134 -2.31 -18.26 -29.04
C ASN B 134 -3.63 -17.93 -28.36
N TRP B 135 -3.57 -17.72 -27.06
CA TRP B 135 -4.78 -17.52 -26.30
C TRP B 135 -5.40 -16.28 -26.80
N GLN B 136 -6.74 -16.29 -26.89
CA GLN B 136 -7.51 -15.19 -27.34
C GLN B 136 -8.46 -14.71 -26.25
N PRO B 137 -8.38 -13.46 -25.85
CA PRO B 137 -9.29 -13.14 -24.73
C PRO B 137 -10.76 -13.16 -25.07
N ALA B 138 -11.60 -13.49 -24.11
CA ALA B 138 -13.07 -13.40 -24.26
C ALA B 138 -13.60 -12.00 -23.93
N TRP B 139 -12.80 -11.21 -23.20
CA TRP B 139 -13.15 -9.83 -22.80
C TRP B 139 -11.89 -8.98 -22.77
N ALA B 140 -12.08 -7.68 -22.66
CA ALA B 140 -11.00 -6.73 -22.56
C ALA B 140 -10.43 -6.82 -21.13
N PRO B 141 -9.16 -6.41 -20.96
CA PRO B 141 -8.48 -6.43 -19.67
C PRO B 141 -9.20 -5.59 -18.63
N GLY B 142 -9.30 -6.08 -17.43
CA GLY B 142 -9.85 -5.31 -16.33
C GLY B 142 -11.31 -5.11 -16.32
N THR B 143 -12.02 -6.00 -17.00
CA THR B 143 -13.47 -5.88 -17.06
C THR B 143 -14.18 -7.03 -16.40
N GLN B 144 -13.60 -8.24 -16.48
CA GLN B 144 -14.24 -9.41 -15.88
C GLN B 144 -13.26 -10.22 -15.06
N ARG B 145 -13.78 -10.82 -13.99
CA ARG B 145 -13.00 -11.73 -13.19
C ARG B 145 -13.38 -13.11 -13.60
N LEU B 146 -12.39 -13.90 -14.02
CA LEU B 146 -12.62 -15.33 -14.27
C LEU B 146 -11.49 -16.13 -13.60
N TYR B 147 -11.86 -16.82 -12.53
CA TYR B 147 -10.95 -17.55 -11.68
C TYR B 147 -10.17 -18.50 -12.56
N ALA B 148 -8.86 -18.52 -12.40
CA ALA B 148 -7.98 -19.23 -13.40
C ALA B 148 -6.59 -19.54 -12.89
N ASN B 149 -6.22 -20.83 -12.94
CA ASN B 149 -4.85 -21.23 -12.65
C ASN B 149 -3.89 -20.54 -13.57
N SER B 150 -4.28 -20.35 -14.81
CA SER B 150 -3.32 -19.92 -15.80
C SER B 150 -3.02 -18.44 -15.65
N SER B 151 -3.88 -17.74 -14.93
CA SER B 151 -3.67 -16.32 -14.67
C SER B 151 -2.68 -16.07 -13.48
N ILE B 152 -3.07 -16.49 -12.30
CA ILE B 152 -2.27 -16.33 -11.11
C ILE B 152 -1.01 -17.16 -11.24
N GLY B 153 -1.10 -18.28 -11.95
CA GLY B 153 0.12 -19.03 -12.17
C GLY B 153 1.17 -18.21 -12.88
N LEU B 154 0.80 -17.55 -13.98
CA LEU B 154 1.76 -16.78 -14.71
C LEU B 154 2.30 -15.69 -13.83
N PHE B 155 1.44 -15.06 -13.04
CA PHE B 155 1.87 -14.01 -12.16
C PHE B 155 3.01 -14.48 -11.29
N GLY B 156 2.83 -15.63 -10.61
CA GLY B 156 3.87 -16.15 -9.74
C GLY B 156 5.20 -16.33 -10.44
N ALA B 157 5.17 -16.97 -11.61
CA ALA B 157 6.43 -17.26 -12.38
C ALA B 157 7.10 -15.97 -12.81
N LEU B 158 6.34 -14.97 -13.22
CA LEU B 158 6.96 -13.73 -13.63
C LEU B 158 7.40 -12.87 -12.47
N ALA B 159 6.67 -12.93 -11.35
CA ALA B 159 7.00 -12.09 -10.24
C ALA B 159 8.40 -12.37 -9.75
N VAL B 160 8.87 -13.61 -9.86
CA VAL B 160 10.19 -13.92 -9.36
C VAL B 160 11.34 -13.66 -10.31
N LYS B 161 11.09 -13.21 -11.53
CA LYS B 161 12.15 -13.05 -12.54
C LYS B 161 13.22 -12.04 -12.22
N PRO B 162 12.84 -10.87 -11.71
CA PRO B 162 13.97 -10.01 -11.33
C PRO B 162 14.88 -10.57 -10.23
N SER B 163 14.38 -11.30 -9.24
CA SER B 163 15.21 -11.98 -8.24
C SER B 163 16.22 -12.98 -8.94
N GLY B 164 15.90 -13.50 -10.09
CA GLY B 164 16.80 -14.53 -10.69
C GLY B 164 16.62 -15.88 -10.03
N LEU B 165 15.83 -15.94 -8.97
CA LEU B 165 15.61 -17.21 -8.23
C LEU B 165 14.48 -17.98 -8.91
N SER B 166 14.52 -19.31 -8.86
CA SER B 166 13.38 -20.07 -9.28
C SER B 166 12.22 -19.71 -8.33
N PHE B 167 11.02 -20.02 -8.77
CA PHE B 167 9.83 -19.89 -7.94
C PHE B 167 9.93 -20.65 -6.62
N GLU B 168 10.38 -21.90 -6.67
CA GLU B 168 10.53 -22.68 -5.42
C GLU B 168 11.53 -22.07 -4.44
N GLN B 169 12.70 -21.66 -4.94
CA GLN B 169 13.71 -21.07 -4.08
C GLN B 169 13.25 -19.69 -3.52
N ALA B 170 12.53 -18.94 -4.31
CA ALA B 170 11.99 -17.67 -3.80
C ALA B 170 10.98 -17.90 -2.69
N MET B 171 10.03 -18.82 -2.92
CA MET B 171 9.06 -19.11 -1.90
C MET B 171 9.70 -19.59 -0.61
N GLN B 172 10.71 -20.46 -0.73
CA GLN B 172 11.36 -21.07 0.45
C GLN B 172 12.13 -20.01 1.15
N THR B 173 12.90 -19.20 0.39
CA THR B 173 13.79 -18.27 1.09
C THR B 173 13.02 -17.04 1.59
N ARG B 174 11.94 -16.65 0.92
CA ARG B 174 11.32 -15.34 1.26
C ARG B 174 10.08 -15.43 2.08
N VAL B 175 9.49 -16.62 2.14
CA VAL B 175 8.17 -16.85 2.79
C VAL B 175 8.22 -18.03 3.74
N PHE B 176 8.55 -19.25 3.28
CA PHE B 176 8.49 -20.39 4.22
C PHE B 176 9.47 -20.20 5.40
N GLN B 177 10.74 -19.95 5.12
CA GLN B 177 11.75 -19.96 6.17
C GLN B 177 11.56 -18.82 7.13
N PRO B 178 11.33 -17.64 6.64
CA PRO B 178 11.11 -16.58 7.61
C PRO B 178 9.91 -16.80 8.54
N LEU B 179 8.86 -17.48 8.06
CA LEU B 179 7.68 -17.76 8.92
C LEU B 179 7.80 -19.10 9.60
N LYS B 180 8.96 -19.74 9.37
CA LYS B 180 9.30 -20.95 10.08
C LYS B 180 8.27 -21.98 9.74
N LEU B 181 7.93 -22.04 8.47
CA LEU B 181 7.13 -23.17 7.99
C LEU B 181 8.10 -24.27 7.52
N ASN B 182 8.59 -25.05 8.48
CA ASN B 182 9.53 -26.14 8.25
C ASN B 182 8.92 -27.50 7.84
N HIS B 183 7.62 -27.61 7.66
CA HIS B 183 7.02 -28.83 7.10
C HIS B 183 6.09 -28.46 5.97
N THR B 184 6.56 -27.50 5.20
CA THR B 184 5.84 -26.98 4.07
C THR B 184 6.77 -27.05 2.84
N TRP B 185 6.30 -27.67 1.77
CA TRP B 185 7.12 -27.95 0.60
C TRP B 185 6.35 -27.76 -0.67
N ILE B 186 7.03 -27.25 -1.69
CA ILE B 186 6.60 -27.43 -3.04
C ILE B 186 6.96 -28.83 -3.54
N ASN B 187 8.13 -29.35 -3.18
CA ASN B 187 8.53 -30.74 -3.55
C ASN B 187 8.91 -31.42 -2.26
N VAL B 188 8.16 -32.46 -1.94
CA VAL B 188 8.24 -33.11 -0.64
C VAL B 188 9.53 -33.92 -0.68
N PRO B 189 10.43 -33.65 0.29
CA PRO B 189 11.69 -34.39 0.24
C PRO B 189 11.54 -35.80 0.85
N PRO B 190 12.47 -36.71 0.50
CA PRO B 190 12.39 -38.09 0.93
C PRO B 190 12.08 -38.27 2.39
N ALA B 191 12.68 -37.49 3.25
CA ALA B 191 12.50 -37.65 4.68
C ALA B 191 11.05 -37.35 5.11
N GLU B 192 10.26 -36.76 4.21
CA GLU B 192 8.89 -36.45 4.56
C GLU B 192 7.95 -37.41 3.85
N GLU B 193 8.44 -38.32 3.01
CA GLU B 193 7.50 -39.13 2.23
C GLU B 193 6.56 -39.88 3.14
N LYS B 194 7.06 -40.34 4.28
CA LYS B 194 6.27 -41.14 5.21
C LYS B 194 5.11 -40.28 5.80
N ASN B 195 5.23 -38.96 5.80
CA ASN B 195 4.16 -38.08 6.38
C ASN B 195 3.18 -37.51 5.36
N TYR B 196 3.49 -37.74 4.10
CA TYR B 196 2.75 -37.18 2.99
C TYR B 196 1.50 -38.05 2.70
N ALA B 197 0.33 -37.57 3.14
CA ALA B 197 -0.91 -38.36 2.99
C ALA B 197 -1.13 -38.66 1.55
N TRP B 198 -1.89 -39.73 1.29
CA TRP B 198 -2.36 -39.97 -0.06
C TRP B 198 -3.69 -39.24 -0.13
N GLY B 199 -3.98 -38.75 -1.33
CA GLY B 199 -5.33 -38.36 -1.68
C GLY B 199 -6.11 -39.53 -2.22
N TYR B 200 -7.43 -39.43 -2.12
CA TYR B 200 -8.38 -40.47 -2.62
C TYR B 200 -9.45 -39.95 -3.57
N ARG B 201 -9.39 -40.41 -4.81
CA ARG B 201 -10.42 -40.08 -5.81
C ARG B 201 -11.12 -41.40 -6.19
N GLU B 202 -12.43 -41.51 -5.89
CA GLU B 202 -13.20 -42.74 -6.05
C GLU B 202 -12.39 -43.94 -5.61
N GLY B 203 -11.91 -43.88 -4.38
CA GLY B 203 -11.26 -45.01 -3.78
C GLY B 203 -9.82 -45.20 -4.18
N LYS B 204 -9.39 -44.67 -5.34
CA LYS B 204 -7.97 -44.75 -5.71
C LYS B 204 -7.12 -43.68 -5.02
N ALA B 205 -6.02 -44.13 -4.38
CA ALA B 205 -4.93 -43.31 -3.82
C ALA B 205 -4.20 -42.55 -4.92
N VAL B 206 -4.13 -41.22 -4.78
CA VAL B 206 -3.50 -40.36 -5.80
C VAL B 206 -2.70 -39.23 -5.16
N HIS B 207 -1.64 -38.82 -5.85
CA HIS B 207 -0.84 -37.65 -5.55
C HIS B 207 -0.82 -36.78 -6.79
N VAL B 208 -0.81 -35.48 -6.57
CA VAL B 208 -0.82 -34.57 -7.68
C VAL B 208 0.33 -34.88 -8.64
N SER B 209 0.14 -34.62 -9.93
CA SER B 209 1.17 -34.87 -10.91
C SER B 209 1.85 -33.57 -11.36
N PRO B 210 3.07 -33.66 -11.86
CA PRO B 210 3.66 -32.44 -12.42
C PRO B 210 2.76 -31.83 -13.52
N GLY B 211 2.64 -30.49 -13.43
CA GLY B 211 1.91 -29.72 -14.39
C GLY B 211 2.57 -28.36 -14.57
N ALA B 212 2.30 -27.77 -15.71
CA ALA B 212 2.84 -26.47 -16.00
C ALA B 212 2.15 -25.48 -15.01
N LEU B 213 2.98 -24.59 -14.45
CA LEU B 213 2.58 -23.64 -13.38
C LEU B 213 1.92 -24.30 -12.16
N ASP B 214 2.32 -25.55 -11.85
CA ASP B 214 1.73 -26.25 -10.73
C ASP B 214 2.13 -25.64 -9.39
N ALA B 215 3.38 -25.28 -9.26
CA ALA B 215 3.86 -24.81 -7.99
C ALA B 215 3.16 -23.47 -7.74
N GLU B 216 3.00 -22.68 -8.78
CA GLU B 216 2.39 -21.32 -8.62
C GLU B 216 0.91 -21.32 -8.25
N ALA B 217 0.16 -22.30 -8.75
CA ALA B 217 -1.29 -22.32 -8.70
C ALA B 217 -1.87 -23.27 -7.69
N TYR B 218 -1.21 -24.41 -7.53
CA TYR B 218 -1.78 -25.51 -6.78
C TYR B 218 -0.83 -26.52 -6.12
N GLY B 219 0.48 -26.23 -6.09
CA GLY B 219 1.47 -27.24 -5.72
C GLY B 219 2.11 -27.22 -4.33
N VAL B 220 1.52 -26.51 -3.35
CA VAL B 220 2.08 -26.50 -2.04
C VAL B 220 1.42 -27.66 -1.24
N LYS B 221 2.27 -28.28 -0.41
CA LYS B 221 1.91 -29.32 0.59
C LYS B 221 2.37 -28.85 1.95
N SER B 222 1.53 -28.99 2.94
CA SER B 222 1.88 -28.48 4.25
C SER B 222 1.11 -29.27 5.32
N THR B 223 1.48 -29.09 6.56
CA THR B 223 0.90 -29.74 7.71
C THR B 223 -0.08 -28.84 8.40
N ILE B 224 -0.89 -29.41 9.28
CA ILE B 224 -1.89 -28.57 9.98
C ILE B 224 -1.26 -27.48 10.86
N GLU B 225 -0.08 -27.78 11.39
CA GLU B 225 0.61 -26.87 12.32
C GLU B 225 1.22 -25.68 11.52
N ASP B 226 1.89 -26.02 10.45
CA ASP B 226 2.43 -24.97 9.55
C ASP B 226 1.27 -24.15 8.98
N MET B 227 0.12 -24.79 8.68
CA MET B 227 -1.02 -24.01 8.13
C MET B 227 -1.63 -23.10 9.15
N ALA B 228 -1.58 -23.48 10.42
CA ALA B 228 -2.04 -22.55 11.49
C ALA B 228 -1.15 -21.36 11.58
N ARG B 229 0.14 -21.62 11.42
CA ARG B 229 1.12 -20.56 11.47
C ARG B 229 0.99 -19.59 10.27
N TRP B 230 0.60 -20.15 9.13
CA TRP B 230 0.32 -19.30 7.95
C TRP B 230 -0.84 -18.33 8.27
N VAL B 231 -1.91 -18.89 8.80
CA VAL B 231 -3.04 -18.07 9.21
C VAL B 231 -2.65 -17.01 10.19
N GLN B 232 -1.96 -17.36 11.27
CA GLN B 232 -1.51 -16.34 12.25
C GLN B 232 -0.70 -15.25 11.62
N SER B 233 0.16 -15.62 10.68
CA SER B 233 1.01 -14.67 10.00
C SER B 233 0.16 -13.72 9.19
N ASN B 234 -0.92 -14.20 8.59
CA ASN B 234 -1.77 -13.37 7.78
C ASN B 234 -2.82 -12.61 8.62
N LEU B 235 -3.18 -13.14 9.80
CA LEU B 235 -4.00 -12.39 10.81
C LEU B 235 -3.29 -11.19 11.36
N LYS B 236 -1.99 -11.34 11.56
CA LYS B 236 -1.19 -10.33 12.23
C LYS B 236 0.17 -10.13 11.62
N PRO B 237 0.18 -9.55 10.42
CA PRO B 237 1.43 -9.30 9.75
C PRO B 237 2.38 -8.35 10.52
N LEU B 238 1.89 -7.61 11.52
CA LEU B 238 2.77 -6.68 12.24
C LEU B 238 3.80 -7.40 13.13
N ASP B 239 3.49 -8.61 13.59
CA ASP B 239 4.42 -9.39 14.40
C ASP B 239 5.63 -9.87 13.60
N ILE B 240 5.55 -9.68 12.28
CA ILE B 240 6.56 -10.13 11.33
C ILE B 240 7.71 -9.15 11.15
N ASN B 241 8.91 -9.68 11.37
CA ASN B 241 10.12 -8.87 11.46
C ASN B 241 10.70 -8.50 10.08
N GLU B 242 10.51 -9.36 9.08
CA GLU B 242 11.01 -9.06 7.72
C GLU B 242 10.09 -8.03 7.09
N LYS B 243 10.64 -6.84 6.90
CA LYS B 243 9.93 -5.65 6.47
C LYS B 243 9.17 -5.94 5.18
N THR B 244 9.81 -6.57 4.21
CA THR B 244 9.16 -6.70 2.93
C THR B 244 8.15 -7.83 2.98
N LEU B 245 8.33 -8.78 3.87
CA LEU B 245 7.37 -9.84 3.96
C LEU B 245 6.12 -9.32 4.68
N GLN B 246 6.34 -8.52 5.69
CA GLN B 246 5.25 -7.88 6.40
C GLN B 246 4.41 -7.11 5.42
N GLN B 247 5.07 -6.31 4.59
CA GLN B 247 4.33 -5.47 3.64
C GLN B 247 3.64 -6.32 2.56
N GLY B 248 4.31 -7.34 2.09
CA GLY B 248 3.72 -8.25 1.11
C GLY B 248 2.45 -8.94 1.56
N ILE B 249 2.46 -9.37 2.80
CA ILE B 249 1.25 -9.86 3.38
C ILE B 249 0.16 -8.84 3.39
N GLN B 250 0.45 -7.66 3.86
CA GLN B 250 -0.60 -6.63 3.82
C GLN B 250 -1.09 -6.35 2.37
N LEU B 251 -0.21 -6.29 1.36
CA LEU B 251 -0.67 -6.05 0.03
C LEU B 251 -1.55 -7.19 -0.53
N ALA B 252 -1.36 -8.42 -0.08
CA ALA B 252 -2.11 -9.54 -0.59
C ALA B 252 -3.56 -9.42 -0.14
N GLN B 253 -3.80 -8.70 0.92
CA GLN B 253 -5.15 -8.41 1.36
C GLN B 253 -5.69 -7.04 1.02
N SER B 254 -4.93 -6.24 0.27
CA SER B 254 -5.52 -5.03 -0.28
C SER B 254 -6.71 -5.41 -1.19
N ARG B 255 -7.67 -4.52 -1.34
CA ARG B 255 -8.84 -4.81 -2.14
C ARG B 255 -8.74 -4.13 -3.48
N TYR B 256 -8.42 -4.88 -4.53
CA TYR B 256 -8.16 -4.36 -5.85
C TYR B 256 -9.36 -4.26 -6.79
N TRP B 257 -10.35 -5.14 -6.57
CA TRP B 257 -11.57 -5.25 -7.42
C TRP B 257 -12.66 -5.75 -6.52
N GLN B 258 -13.87 -5.37 -6.87
CA GLN B 258 -15.06 -5.78 -6.20
C GLN B 258 -15.96 -6.49 -7.21
N THR B 259 -16.47 -7.67 -6.87
CA THR B 259 -17.53 -8.30 -7.68
C THR B 259 -18.58 -8.81 -6.73
N GLY B 260 -19.80 -8.32 -6.89
CA GLY B 260 -20.79 -8.60 -5.87
C GLY B 260 -20.33 -8.15 -4.48
N ASP B 261 -20.46 -9.01 -3.49
CA ASP B 261 -19.99 -8.62 -2.18
C ASP B 261 -18.55 -9.16 -1.90
N MET B 262 -17.83 -9.64 -2.90
CA MET B 262 -16.43 -9.95 -2.64
C MET B 262 -15.38 -9.00 -3.26
N TYR B 263 -14.16 -9.03 -2.71
CA TYR B 263 -13.08 -8.17 -3.13
C TYR B 263 -11.89 -9.08 -3.46
N GLN B 264 -11.22 -8.87 -4.56
CA GLN B 264 -10.07 -9.73 -4.94
C GLN B 264 -8.77 -9.09 -4.40
N GLY B 265 -8.05 -9.82 -3.55
CA GLY B 265 -6.65 -9.54 -3.14
C GLY B 265 -5.68 -10.32 -4.06
N LEU B 266 -4.47 -10.51 -3.59
CA LEU B 266 -3.44 -11.33 -4.29
C LEU B 266 -3.60 -12.70 -3.65
N GLY B 267 -4.29 -13.55 -4.35
CA GLY B 267 -4.53 -14.91 -3.82
C GLY B 267 -5.70 -14.97 -2.88
N TRP B 268 -5.53 -14.32 -1.71
CA TRP B 268 -6.68 -14.12 -0.86
C TRP B 268 -7.92 -13.47 -1.54
N GLU B 269 -9.10 -13.88 -1.07
CA GLU B 269 -10.34 -13.20 -1.37
C GLU B 269 -10.95 -12.72 -0.09
N MET B 270 -11.74 -11.66 -0.16
CA MET B 270 -12.27 -11.04 1.06
C MET B 270 -13.69 -10.50 0.94
N LEU B 271 -14.36 -10.46 2.08
CA LEU B 271 -15.68 -9.88 2.22
C LEU B 271 -15.73 -9.06 3.50
N ASP B 272 -16.58 -8.04 3.54
CA ASP B 272 -16.79 -7.42 4.84
C ASP B 272 -17.38 -8.38 5.88
N TRP B 273 -16.78 -8.32 7.08
CA TRP B 273 -17.35 -8.88 8.29
C TRP B 273 -18.16 -7.77 9.01
N PRO B 274 -19.39 -8.05 9.40
CA PRO B 274 -20.09 -9.35 9.35
C PRO B 274 -20.52 -9.74 7.97
N VAL B 275 -20.53 -11.03 7.70
CA VAL B 275 -20.72 -11.57 6.35
C VAL B 275 -22.00 -12.36 6.31
N ASN B 276 -22.69 -12.43 5.17
CA ASN B 276 -23.87 -13.26 5.04
C ASN B 276 -23.32 -14.60 4.68
N PRO B 277 -23.54 -15.59 5.53
CA PRO B 277 -23.05 -16.94 5.28
C PRO B 277 -23.49 -17.51 3.96
N ASP B 278 -24.76 -17.28 3.60
CA ASP B 278 -25.27 -17.81 2.32
C ASP B 278 -24.40 -17.34 1.18
N SER B 279 -23.85 -16.15 1.33
CA SER B 279 -23.08 -15.52 0.30
C SER B 279 -21.72 -16.21 0.04
N ILE B 280 -21.02 -16.60 1.10
CA ILE B 280 -19.73 -17.31 0.93
C ILE B 280 -19.95 -18.78 0.65
N ILE B 281 -21.00 -19.35 1.24
CA ILE B 281 -21.32 -20.74 1.01
C ILE B 281 -21.76 -20.92 -0.39
N ASN B 282 -22.77 -20.16 -0.77
CA ASN B 282 -23.24 -20.26 -2.12
C ASN B 282 -22.19 -19.80 -3.10
N GLY B 283 -21.43 -18.75 -2.77
CA GLY B 283 -20.42 -18.23 -3.68
C GLY B 283 -19.29 -19.23 -3.94
N SER B 284 -19.12 -20.17 -3.01
CA SER B 284 -18.06 -21.17 -3.12
C SER B 284 -18.43 -22.26 -4.14
N ASP B 285 -19.72 -22.30 -4.54
CA ASP B 285 -20.16 -23.35 -5.46
C ASP B 285 -19.62 -23.03 -6.78
N ASN B 286 -19.12 -24.08 -7.45
CA ASN B 286 -18.38 -23.81 -8.65
C ASN B 286 -19.19 -23.13 -9.73
N LYS B 287 -20.50 -23.29 -9.69
CA LYS B 287 -21.30 -22.64 -10.71
C LYS B 287 -21.25 -21.11 -10.53
N ILE B 288 -20.90 -20.60 -9.35
CA ILE B 288 -20.59 -19.16 -9.17
C ILE B 288 -19.10 -18.89 -9.10
N ALA B 289 -18.37 -19.61 -8.26
CA ALA B 289 -16.89 -19.46 -8.16
C ALA B 289 -16.13 -19.53 -9.47
N LEU B 290 -16.58 -20.35 -10.40
CA LEU B 290 -15.92 -20.45 -11.67
C LEU B 290 -16.51 -19.65 -12.79
N ALA B 291 -17.53 -18.84 -12.53
CA ALA B 291 -18.20 -18.12 -13.56
C ALA B 291 -17.49 -16.80 -13.70
N ALA B 292 -17.56 -16.23 -14.90
CA ALA B 292 -17.08 -14.92 -15.18
C ALA B 292 -18.02 -13.92 -14.44
N ARG B 293 -17.48 -12.89 -13.81
CA ARG B 293 -18.32 -11.81 -13.16
C ARG B 293 -17.66 -10.48 -13.38
N PRO B 294 -18.46 -9.42 -13.56
CA PRO B 294 -17.91 -8.08 -13.81
C PRO B 294 -17.20 -7.55 -12.60
N VAL B 295 -16.17 -6.76 -12.82
CA VAL B 295 -15.41 -6.23 -11.73
C VAL B 295 -15.46 -4.71 -11.81
N LYS B 296 -15.51 -4.10 -10.64
CA LYS B 296 -15.28 -2.66 -10.49
C LYS B 296 -13.90 -2.48 -9.94
N ALA B 297 -13.12 -1.62 -10.59
CA ALA B 297 -11.78 -1.29 -10.08
C ALA B 297 -11.96 -0.48 -8.77
N ILE B 298 -11.09 -0.73 -7.83
CA ILE B 298 -11.02 0.07 -6.62
C ILE B 298 -9.76 0.92 -6.84
N THR B 299 -9.97 2.17 -7.23
CA THR B 299 -8.87 3.09 -7.61
C THR B 299 -8.71 4.18 -6.52
N PRO B 300 -7.69 4.09 -5.69
CA PRO B 300 -6.67 3.08 -5.62
C PRO B 300 -7.14 1.99 -4.67
N PRO B 301 -6.43 0.86 -4.65
CA PRO B 301 -6.91 -0.19 -3.77
C PRO B 301 -6.99 0.17 -2.31
N THR B 302 -8.01 -0.37 -1.68
CA THR B 302 -8.22 -0.16 -0.28
C THR B 302 -7.28 -1.05 0.50
N PRO B 303 -6.54 -0.45 1.48
CA PRO B 303 -5.68 -1.29 2.32
C PRO B 303 -6.47 -2.31 3.09
N ALA B 304 -5.80 -3.41 3.38
CA ALA B 304 -6.34 -4.51 4.18
C ALA B 304 -7.25 -4.00 5.26
N VAL B 305 -8.49 -4.44 5.21
CA VAL B 305 -9.52 -4.07 6.17
C VAL B 305 -9.59 -5.19 7.23
N ARG B 306 -9.38 -4.83 8.50
CA ARG B 306 -9.34 -5.83 9.56
C ARG B 306 -10.68 -6.51 9.74
N ALA B 307 -11.77 -5.74 9.57
CA ALA B 307 -13.13 -6.30 9.60
C ALA B 307 -13.50 -7.00 8.30
N SER B 308 -12.81 -8.11 8.06
CA SER B 308 -12.97 -8.87 6.85
C SER B 308 -13.07 -10.35 7.21
N TRP B 309 -13.84 -11.08 6.41
CA TRP B 309 -13.69 -12.52 6.27
C TRP B 309 -12.73 -12.71 5.10
N VAL B 310 -11.61 -13.40 5.32
CA VAL B 310 -10.57 -13.50 4.35
C VAL B 310 -10.39 -15.01 4.12
N HIS B 311 -10.46 -15.51 2.89
CA HIS B 311 -10.48 -16.97 2.68
C HIS B 311 -9.98 -17.46 1.33
N LYS B 312 -9.81 -18.77 1.20
CA LYS B 312 -9.48 -19.35 -0.05
C LYS B 312 -9.77 -20.86 -0.01
N THR B 313 -10.33 -21.40 -1.09
CA THR B 313 -10.60 -22.83 -1.27
C THR B 313 -9.44 -23.39 -2.06
N GLY B 314 -9.27 -24.71 -2.00
CA GLY B 314 -8.37 -25.36 -2.93
C GLY B 314 -8.64 -26.85 -2.99
N ALA B 315 -8.26 -27.46 -4.10
CA ALA B 315 -8.48 -28.88 -4.27
C ALA B 315 -7.47 -29.40 -5.27
N THR B 316 -7.19 -30.68 -5.15
CA THR B 316 -6.48 -31.42 -6.22
C THR B 316 -7.32 -32.69 -6.56
N GLY B 317 -6.76 -33.65 -7.33
CA GLY B 317 -7.56 -34.86 -7.72
C GLY B 317 -8.08 -35.60 -6.49
N GLY B 318 -7.24 -35.62 -5.46
CA GLY B 318 -7.56 -36.31 -4.26
C GLY B 318 -7.65 -35.56 -2.96
N PHE B 319 -7.67 -34.21 -2.98
CA PHE B 319 -7.63 -33.45 -1.73
C PHE B 319 -8.54 -32.23 -1.83
N GLY B 320 -8.91 -31.75 -0.66
CA GLY B 320 -9.83 -30.63 -0.53
C GLY B 320 -9.43 -29.85 0.72
N SER B 321 -9.27 -28.54 0.56
CA SER B 321 -8.79 -27.66 1.62
C SER B 321 -9.56 -26.29 1.63
N TYR B 322 -9.59 -25.71 2.77
CA TYR B 322 -10.18 -24.40 2.96
C TYR B 322 -9.47 -23.68 4.09
N VAL B 323 -9.26 -22.36 3.97
CA VAL B 323 -8.67 -21.55 5.04
C VAL B 323 -9.53 -20.26 5.13
N ALA B 324 -9.81 -19.80 6.30
CA ALA B 324 -10.58 -18.56 6.46
C ALA B 324 -10.16 -17.93 7.70
N PHE B 325 -10.19 -16.59 7.75
CA PHE B 325 -9.89 -15.92 8.96
C PHE B 325 -10.39 -14.46 8.97
N ILE B 326 -10.40 -13.89 10.16
CA ILE B 326 -11.11 -12.61 10.44
C ILE B 326 -10.18 -11.78 11.33
N PRO B 327 -9.39 -10.88 10.74
CA PRO B 327 -8.29 -10.28 11.46
C PRO B 327 -8.80 -9.48 12.63
N GLU B 328 -9.96 -8.89 12.47
CA GLU B 328 -10.46 -8.11 13.59
C GLU B 328 -10.62 -9.00 14.82
N LYS B 329 -11.26 -10.18 14.68
CA LYS B 329 -11.57 -11.04 15.81
C LYS B 329 -10.49 -12.08 16.10
N GLU B 330 -9.31 -11.94 15.51
CA GLU B 330 -8.22 -12.91 15.76
C GLU B 330 -8.72 -14.38 15.73
N LEU B 331 -9.45 -14.70 14.69
CA LEU B 331 -10.12 -15.96 14.61
C LEU B 331 -9.80 -16.54 13.24
N GLY B 332 -9.60 -17.85 13.16
CA GLY B 332 -9.38 -18.49 11.83
C GLY B 332 -9.55 -20.00 11.82
N ILE B 333 -9.56 -20.58 10.67
CA ILE B 333 -9.69 -22.00 10.62
C ILE B 333 -8.98 -22.50 9.39
N VAL B 334 -8.42 -23.68 9.55
CA VAL B 334 -7.84 -24.43 8.48
C VAL B 334 -8.51 -25.79 8.47
N MET B 335 -8.93 -26.23 7.27
CA MET B 335 -9.51 -27.55 7.06
C MET B 335 -8.81 -28.29 5.92
N LEU B 336 -8.07 -29.35 6.24
CA LEU B 336 -7.39 -30.11 5.20
C LEU B 336 -7.93 -31.53 5.15
N ALA B 337 -8.30 -32.01 3.97
CA ALA B 337 -8.87 -33.35 3.89
C ALA B 337 -8.24 -34.08 2.70
N ASN B 338 -8.11 -35.43 2.78
CA ASN B 338 -7.58 -36.16 1.61
C ASN B 338 -8.65 -36.85 0.76
N LYS B 339 -9.76 -36.12 0.60
CA LYS B 339 -10.70 -36.27 -0.52
C LYS B 339 -11.18 -34.91 -1.01
N ASN B 340 -11.35 -34.78 -2.33
CA ASN B 340 -11.94 -33.60 -2.91
C ASN B 340 -13.47 -33.70 -2.79
N TYR B 341 -14.05 -32.79 -2.04
CA TYR B 341 -15.48 -32.81 -1.76
C TYR B 341 -15.98 -31.38 -1.91
N PRO B 342 -17.30 -31.20 -2.06
CA PRO B 342 -17.79 -29.90 -2.55
C PRO B 342 -17.41 -28.70 -1.69
N ASN B 343 -17.00 -27.63 -2.37
CA ASN B 343 -16.64 -26.41 -1.66
C ASN B 343 -17.68 -25.95 -0.65
N PRO B 344 -18.97 -25.93 -1.02
CA PRO B 344 -19.90 -25.34 -0.05
C PRO B 344 -20.00 -26.08 1.27
N ALA B 345 -19.74 -27.38 1.23
CA ALA B 345 -19.70 -28.17 2.48
C ALA B 345 -18.60 -27.68 3.44
N ARG B 346 -17.43 -27.39 2.88
CA ARG B 346 -16.33 -26.92 3.68
C ARG B 346 -16.65 -25.56 4.25
N VAL B 347 -17.17 -24.70 3.40
CA VAL B 347 -17.34 -23.30 3.82
C VAL B 347 -18.44 -23.23 4.87
N ASP B 348 -19.48 -24.05 4.67
CA ASP B 348 -20.59 -24.13 5.65
C ASP B 348 -20.08 -24.51 7.04
N ALA B 349 -19.36 -25.64 7.09
CA ALA B 349 -18.75 -26.08 8.35
C ALA B 349 -17.92 -24.99 8.96
N ALA B 350 -17.08 -24.34 8.14
CA ALA B 350 -16.15 -23.33 8.67
C ALA B 350 -16.90 -22.17 9.31
N TRP B 351 -17.98 -21.77 8.67
CA TRP B 351 -18.79 -20.68 9.15
C TRP B 351 -19.46 -21.15 10.42
N GLN B 352 -19.98 -22.37 10.44
CA GLN B 352 -20.61 -22.80 11.69
C GLN B 352 -19.65 -22.70 12.86
N ILE B 353 -18.43 -23.20 12.67
CA ILE B 353 -17.43 -23.16 13.71
C ILE B 353 -17.05 -21.73 14.10
N LEU B 354 -16.67 -20.89 13.14
CA LEU B 354 -16.15 -19.55 13.49
C LEU B 354 -17.31 -18.64 13.97
N ASN B 355 -18.50 -18.81 13.37
CA ASN B 355 -19.66 -18.03 13.88
C ASN B 355 -19.91 -18.33 15.34
N ALA B 356 -19.84 -19.61 15.68
CA ALA B 356 -20.03 -20.02 17.07
C ALA B 356 -18.99 -19.43 18.01
N LEU B 357 -17.80 -19.04 17.54
CA LEU B 357 -16.72 -18.57 18.45
C LEU B 357 -16.54 -17.08 18.47
N GLN B 358 -17.20 -16.36 17.57
CA GLN B 358 -16.91 -14.93 17.33
C GLN B 358 -17.29 -14.03 18.48
P PO4 C . 36.52 17.64 -1.84
O1 PO4 C . 35.71 17.97 -0.60
O2 PO4 C . 36.57 18.92 -2.67
O3 PO4 C . 35.84 16.48 -2.54
O4 PO4 C . 37.94 17.21 -1.49
P PO4 D . -18.84 1.97 0.07
O1 PO4 D . -19.23 2.22 1.52
O2 PO4 D . -19.58 2.99 -0.76
O3 PO4 D . -19.11 0.55 -0.44
O4 PO4 D . -17.37 2.16 -0.15
P PO4 E . 9.71 24.66 25.68
O1 PO4 E . 8.64 24.93 26.71
O2 PO4 E . 9.17 25.23 24.41
O3 PO4 E . 10.98 25.44 25.90
O4 PO4 E . 10.07 23.19 25.67
S1 CEF F . 0.30 28.26 -4.24
C1 CEF F . 1.21 29.72 -4.73
C2 CEF F . 2.52 29.28 -5.37
C3 CEF F . 2.84 29.83 -6.55
C4 CEF F . 3.42 28.35 -4.66
C5 CEF F . 4.84 28.37 -4.92
O1 CEF F . 5.40 29.50 -4.85
O2 CEF F . 5.45 27.31 -5.24
N1 CEF F . 3.00 27.54 -3.74
C6 CEF F . 1.60 27.38 -3.35
C7 CEF F . 1.60 27.74 -1.89
C8 CEF F . 2.62 26.80 -1.27
O3 CEF F . 3.78 27.10 -0.95
N2 CEF F . 1.90 29.09 -1.58
C9 CEF F . 0.95 29.99 -1.18
O4 CEF F . -0.26 29.74 -1.06
C10 CEF F . 1.44 31.36 -0.86
N3 CEF F . 2.42 31.91 -1.41
O5 CEF F . 3.15 31.47 -2.32
C11 CEF F . 3.97 32.41 -3.04
C12 CEF F . 0.83 32.17 0.21
C13 CEF F . -0.09 31.68 1.11
S2 CEF F . -0.60 32.90 2.22
C14 CEF F . 0.53 34.01 1.48
N4 CEF F . 0.72 35.28 1.90
N5 CEF F . 1.20 33.48 0.42
P PO4 G . 9.19 1.64 -15.50
O1 PO4 G . 8.29 1.68 -14.28
O2 PO4 G . 8.87 0.47 -16.41
O3 PO4 G . 10.65 1.42 -15.08
O4 PO4 G . 8.92 2.92 -16.27
S1 CEF H . -8.76 -24.95 -10.97
C1 CEF H . -9.83 -26.39 -11.02
C2 CEF H . -11.00 -26.16 -10.11
C3 CEF H . -12.20 -26.52 -10.59
C4 CEF H . -10.85 -25.60 -8.73
C5 CEF H . -11.81 -25.88 -7.66
O1 CEF H . -12.10 -25.01 -6.79
O2 CEF H . -12.29 -27.03 -7.64
N1 CEF H . -9.85 -24.94 -8.39
C6 CEF H . -8.65 -24.67 -9.20
C7 CEF H . -7.46 -25.42 -8.61
C8 CEF H . -7.27 -25.01 -7.18
O3 CEF H . -7.66 -25.69 -6.25
N2 CEF H . -7.61 -26.85 -8.67
C9 CEF H . -6.88 -27.58 -9.48
O4 CEF H . -6.10 -27.14 -10.28
C10 CEF H . -7.14 -29.03 -9.48
N3 CEF H . -8.29 -29.55 -9.18
O5 CEF H . -9.39 -29.01 -8.81
C11 CEF H . -10.57 -29.81 -8.59
C12 CEF H . -6.03 -29.93 -9.85
C13 CEF H . -4.70 -29.58 -9.91
S2 CEF H . -3.73 -30.98 -10.31
C14 CEF H . -5.13 -31.96 -10.34
N4 CEF H . -5.10 -33.28 -10.60
N5 CEF H . -6.26 -31.28 -10.08
#